data_8VTH
#
_entry.id   8VTH
#
_cell.length_a   53.350
_cell.length_b   56.630
_cell.length_c   69.510
_cell.angle_alpha   83.270
_cell.angle_beta   88.720
_cell.angle_gamma   66.720
#
_symmetry.space_group_name_H-M   'P 1'
#
loop_
_entity.id
_entity.type
_entity.pdbx_description
1 polymer 'DUF2169 domain-containing protein'
2 non-polymer 1,2-ETHANEDIOL
3 water water
#
_entity_poly.entity_id   1
_entity_poly.type   'polypeptide(L)'
_entity_poly.pdbx_seq_one_letter_code
;MQLWDINDHPYLNIKGRFQRDENGDEVWVVSAKRMWSLTQNEWLSADEVEIFDDPLYAGEPGFSAMIHDHEFAIHKHCTD
VVVSGKARAYAKRPVEQMECRLLLDGHIDKTLVIHGQRDWIEHGGSITVSNPQSFIDCDIDYSHAIGGEDERNRIGGGVA
SSNKVLLTQRVPSVFYPKEDWDATSKKVRVAGFGPIPPFFKQRYQLAGTFDDNWLENRRPLLPVDFDRRYYQSAPLDQQC
KGYLQGGERLMLSGFSHDDIFSFRLPREKYRASADFGDDQEFKDLELYTVFVDTEKGVVSLTYSAAFACQEKEHLLKSTS
IQAVVENTNERGLNNEKLEHHHHHH
;
_entity_poly.pdbx_strand_id   A,B
#
loop_
_chem_comp.id
_chem_comp.type
_chem_comp.name
_chem_comp.formula
EDO non-polymer 1,2-ETHANEDIOL 'C2 H6 O2'
#
# COMPACT_ATOMS: atom_id res chain seq x y z
N TRP A 4 22.29 14.61 -40.35
CA TRP A 4 21.79 15.23 -39.13
C TRP A 4 21.44 14.17 -38.08
N ASP A 5 21.87 12.93 -38.33
CA ASP A 5 21.66 11.81 -37.43
C ASP A 5 22.84 11.74 -36.46
N ILE A 6 22.64 12.25 -35.24
CA ILE A 6 23.74 12.49 -34.31
C ILE A 6 23.55 11.62 -33.06
N ASN A 7 24.47 10.66 -32.86
CA ASN A 7 24.53 9.95 -31.59
C ASN A 7 25.01 10.85 -30.47
N ASP A 8 26.12 11.57 -30.70
CA ASP A 8 26.67 12.52 -29.75
C ASP A 8 26.24 13.92 -30.20
N HIS A 9 25.11 14.39 -29.64
CA HIS A 9 24.40 15.57 -30.14
C HIS A 9 25.07 16.86 -29.68
N PRO A 10 25.04 17.90 -30.52
CA PRO A 10 25.83 19.13 -30.20
C PRO A 10 25.23 20.03 -29.14
N TYR A 11 23.91 20.06 -28.94
CA TYR A 11 23.36 20.92 -27.89
C TYR A 11 22.43 20.20 -26.91
N LEU A 12 21.92 19.01 -27.25
CA LEU A 12 21.12 18.24 -26.32
C LEU A 12 22.03 17.40 -25.46
N ASN A 13 21.75 17.36 -24.15
CA ASN A 13 22.20 16.26 -23.30
C ASN A 13 21.25 15.08 -23.49
N ILE A 14 21.79 13.90 -23.78
CA ILE A 14 20.98 12.71 -24.04
C ILE A 14 21.49 11.58 -23.15
N LYS A 15 20.57 10.82 -22.56
CA LYS A 15 20.85 9.73 -21.65
C LYS A 15 19.75 8.69 -21.82
N GLY A 16 20.14 7.44 -21.68
CA GLY A 16 19.19 6.34 -21.74
C GLY A 16 19.38 5.43 -20.56
N ARG A 17 18.26 4.87 -20.08
CA ARG A 17 18.21 3.91 -18.97
C ARG A 17 17.23 2.81 -19.33
N PHE A 18 17.53 1.59 -18.98
CA PHE A 18 16.53 0.53 -19.08
C PHE A 18 15.57 0.65 -17.90
N GLN A 19 14.31 0.39 -18.17
CA GLN A 19 13.24 0.40 -17.18
C GLN A 19 12.46 -0.89 -17.41
N ARG A 20 11.68 -1.29 -16.41
CA ARG A 20 10.77 -2.43 -16.53
C ARG A 20 9.33 -1.95 -16.67
N ASP A 21 8.60 -2.48 -17.64
CA ASP A 21 7.20 -2.12 -17.76
C ASP A 21 6.37 -2.97 -16.80
N GLU A 22 5.04 -2.80 -16.87
CA GLU A 22 4.17 -3.43 -15.89
C GLU A 22 4.10 -4.93 -16.03
N ASN A 23 4.65 -5.50 -17.11
CA ASN A 23 4.78 -6.94 -17.26
C ASN A 23 6.17 -7.45 -16.90
N GLY A 24 7.03 -6.59 -16.38
CA GLY A 24 8.40 -6.94 -16.09
C GLY A 24 9.33 -6.96 -17.27
N ASP A 25 8.87 -6.50 -18.43
CA ASP A 25 9.67 -6.50 -19.66
C ASP A 25 10.50 -5.23 -19.76
N GLU A 26 11.70 -5.38 -20.30
CA GLU A 26 12.63 -4.27 -20.37
C GLU A 26 12.20 -3.26 -21.41
N VAL A 27 12.40 -2.00 -21.09
CA VAL A 27 12.14 -0.88 -21.99
C VAL A 27 13.35 0.03 -21.96
N TRP A 28 13.79 0.45 -23.14
CA TRP A 28 14.90 1.39 -23.29
C TRP A 28 14.29 2.77 -23.39
N VAL A 29 14.53 3.60 -22.38
CA VAL A 29 13.95 4.94 -22.33
C VAL A 29 15.04 5.95 -22.64
N VAL A 30 14.85 6.73 -23.69
CA VAL A 30 15.77 7.77 -24.11
C VAL A 30 15.21 9.11 -23.72
N SER A 31 15.97 9.89 -22.98
CA SER A 31 15.59 11.22 -22.56
C SER A 31 16.63 12.20 -23.07
N ALA A 32 16.14 13.31 -23.62
CA ALA A 32 16.95 14.41 -24.11
C ALA A 32 16.54 15.70 -23.39
N LYS A 33 17.52 16.51 -22.98
CA LYS A 33 17.22 17.62 -22.10
C LYS A 33 17.93 18.87 -22.56
N ARG A 34 17.24 19.99 -22.45
CA ARG A 34 17.76 21.33 -22.69
C ARG A 34 17.39 22.17 -21.48
N MET A 35 18.23 23.15 -21.16
CA MET A 35 17.94 24.11 -20.11
C MET A 35 18.22 25.50 -20.65
N TRP A 36 17.30 26.41 -20.37
CA TRP A 36 17.36 27.80 -20.80
C TRP A 36 17.49 28.67 -19.58
N SER A 37 18.48 29.55 -19.58
CA SER A 37 18.69 30.47 -18.46
C SER A 37 17.86 31.72 -18.67
N LEU A 38 16.89 31.95 -17.80
CA LEU A 38 16.05 33.14 -17.91
C LEU A 38 16.86 34.39 -17.60
N THR A 39 17.94 34.25 -16.84
CA THR A 39 18.80 35.36 -16.46
C THR A 39 19.80 35.66 -17.57
N GLN A 40 20.53 34.65 -18.01
CA GLN A 40 21.53 34.76 -19.06
C GLN A 40 20.96 34.77 -20.48
N ASN A 41 19.65 34.54 -20.63
N ASN A 41 19.67 34.50 -20.66
CA ASN A 41 18.99 34.43 -21.93
CA ASN A 41 19.06 34.48 -21.99
C ASN A 41 19.87 33.66 -22.92
C ASN A 41 19.90 33.65 -22.97
N GLU A 42 20.05 32.37 -22.66
CA GLU A 42 20.85 31.50 -23.50
C GLU A 42 20.58 30.08 -23.07
N TRP A 43 20.82 29.14 -23.99
CA TRP A 43 20.78 27.73 -23.68
C TRP A 43 22.09 27.35 -23.01
N LEU A 44 22.00 26.62 -21.90
CA LEU A 44 23.18 26.03 -21.29
C LEU A 44 23.72 24.93 -22.18
N SER A 45 25.04 24.77 -22.19
CA SER A 45 25.67 23.71 -22.96
C SER A 45 25.35 22.35 -22.35
N ALA A 46 25.36 21.32 -23.20
CA ALA A 46 25.00 19.99 -22.74
C ALA A 46 25.77 19.59 -21.50
N ASP A 47 27.02 20.04 -21.38
CA ASP A 47 27.84 19.67 -20.22
C ASP A 47 27.22 20.15 -18.92
N GLU A 48 26.57 21.29 -18.94
CA GLU A 48 25.93 21.85 -17.76
C GLU A 48 24.54 21.30 -17.49
N VAL A 49 24.07 20.35 -18.31
CA VAL A 49 22.70 19.84 -18.21
C VAL A 49 22.79 18.44 -17.63
N GLU A 50 22.07 18.20 -16.53
CA GLU A 50 22.02 16.89 -15.89
C GLU A 50 20.62 16.31 -16.04
N ILE A 51 20.55 15.11 -16.61
CA ILE A 51 19.32 14.31 -16.64
C ILE A 51 19.32 13.39 -15.42
N PHE A 52 18.24 13.44 -14.63
CA PHE A 52 18.21 12.84 -13.31
C PHE A 52 17.73 11.41 -13.37
N ASP A 53 18.59 10.50 -12.90
CA ASP A 53 18.33 9.10 -12.71
C ASP A 53 17.44 8.80 -11.51
N ASP A 54 17.38 9.70 -10.55
CA ASP A 54 16.68 9.48 -9.31
C ASP A 54 15.91 10.72 -8.89
N PRO A 55 14.82 10.53 -8.12
CA PRO A 55 14.14 11.69 -7.54
C PRO A 55 15.03 12.36 -6.52
N LEU A 56 14.75 13.63 -6.27
CA LEU A 56 15.43 14.39 -5.23
C LEU A 56 14.38 14.91 -4.26
N TYR A 57 14.58 14.66 -2.97
CA TYR A 57 13.73 15.15 -1.90
C TYR A 57 14.44 16.21 -1.08
N ALA A 58 13.64 17.06 -0.45
CA ALA A 58 14.22 18.08 0.42
C ALA A 58 14.76 17.44 1.71
N GLY A 59 14.07 16.43 2.21
CA GLY A 59 14.46 15.78 3.45
C GLY A 59 14.49 14.28 3.29
N GLU A 60 13.89 13.55 4.22
CA GLU A 60 13.86 12.10 4.12
C GLU A 60 13.05 11.73 2.89
N PRO A 61 13.55 10.86 2.02
CA PRO A 61 12.73 10.40 0.89
C PRO A 61 11.43 9.80 1.41
N GLY A 62 10.30 10.28 0.85
CA GLY A 62 8.98 9.81 1.21
C GLY A 62 8.34 10.57 2.33
N PHE A 63 9.06 11.44 3.00
CA PHE A 63 8.52 12.20 4.13
C PHE A 63 8.93 13.66 4.01
N SER A 64 9.15 14.12 2.78
CA SER A 64 9.56 15.49 2.58
C SER A 64 9.16 15.88 1.17
N ALA A 65 9.18 17.17 0.90
CA ALA A 65 8.75 17.65 -0.40
C ALA A 65 9.69 17.07 -1.45
N MET A 66 9.13 16.69 -2.59
CA MET A 66 9.92 16.26 -3.73
C MET A 66 10.34 17.48 -4.54
N ILE A 67 11.65 17.64 -4.72
CA ILE A 67 12.18 18.75 -5.51
C ILE A 67 11.99 18.45 -6.99
N HIS A 68 12.49 17.29 -7.45
CA HIS A 68 12.17 16.84 -8.78
C HIS A 68 12.07 15.32 -8.81
N ASP A 69 11.29 14.81 -9.75
CA ASP A 69 11.17 13.39 -10.00
C ASP A 69 12.32 12.96 -10.91
N HIS A 70 12.49 11.65 -11.06
CA HIS A 70 13.41 11.14 -12.08
C HIS A 70 12.82 11.38 -13.47
N GLU A 71 13.65 11.20 -14.49
CA GLU A 71 13.30 11.63 -15.85
C GLU A 71 13.26 10.47 -16.82
N PHE A 72 12.99 9.25 -16.33
CA PHE A 72 12.97 8.09 -17.23
C PHE A 72 11.63 7.36 -17.14
N ALA A 73 10.56 8.10 -17.05
CA ALA A 73 9.24 7.45 -17.15
C ALA A 73 9.13 6.71 -18.48
N ILE A 74 8.58 5.51 -18.43
CA ILE A 74 8.35 4.76 -19.64
C ILE A 74 7.27 5.39 -20.50
N HIS A 75 6.31 6.10 -19.90
CA HIS A 75 5.25 6.75 -20.65
C HIS A 75 4.62 7.89 -19.88
N LYS A 76 4.30 8.96 -20.60
CA LYS A 76 3.41 10.01 -20.14
C LYS A 76 2.47 10.28 -21.32
N HIS A 77 1.22 10.62 -21.02
CA HIS A 77 0.23 10.87 -22.06
C HIS A 77 0.16 12.35 -22.37
N CYS A 78 0.80 13.20 -21.56
CA CYS A 78 0.79 14.65 -21.80
C CYS A 78 2.01 15.26 -21.12
N THR A 79 2.30 16.50 -21.44
CA THR A 79 3.37 17.23 -20.83
C THR A 79 3.05 17.66 -19.42
N ASP A 80 3.94 17.30 -18.48
CA ASP A 80 3.91 17.82 -17.13
C ASP A 80 4.57 19.19 -17.11
N VAL A 81 4.00 20.13 -16.34
CA VAL A 81 4.61 21.43 -16.09
C VAL A 81 4.69 21.61 -14.58
N VAL A 82 5.90 21.78 -14.04
CA VAL A 82 6.07 21.91 -12.61
C VAL A 82 6.97 23.11 -12.30
N VAL A 83 6.78 23.71 -11.13
CA VAL A 83 7.50 24.90 -10.72
C VAL A 83 8.18 24.64 -9.38
N SER A 84 9.44 25.04 -9.27
CA SER A 84 10.13 25.12 -8.00
C SER A 84 10.52 26.58 -7.76
N GLY A 85 10.00 27.19 -6.71
CA GLY A 85 10.31 28.57 -6.45
C GLY A 85 9.66 29.01 -5.16
N LYS A 86 9.81 30.29 -4.90
CA LYS A 86 9.27 30.94 -3.71
C LYS A 86 8.29 32.03 -4.10
N ALA A 87 7.31 32.26 -3.23
CA ALA A 87 6.52 33.48 -3.33
C ALA A 87 7.42 34.67 -3.01
N ARG A 88 7.41 35.68 -3.88
CA ARG A 88 8.21 36.88 -3.67
C ARG A 88 7.33 38.10 -3.91
N ALA A 89 7.13 38.89 -2.86
CA ALA A 89 6.20 40.00 -2.93
C ALA A 89 6.69 41.11 -3.86
N TYR A 90 5.76 41.72 -4.56
CA TYR A 90 6.11 42.78 -5.51
C TYR A 90 6.88 43.91 -4.82
N ALA A 91 8.02 44.28 -5.39
CA ALA A 91 8.87 45.40 -4.94
C ALA A 91 9.42 45.21 -3.54
N LYS A 92 9.43 44.01 -3.01
CA LYS A 92 9.89 43.75 -1.66
C LYS A 92 9.12 44.57 -0.63
N ARG A 93 7.85 44.85 -0.92
CA ARG A 93 6.96 45.42 0.08
C ARG A 93 6.30 44.30 0.88
N PRO A 94 6.45 44.26 2.20
CA PRO A 94 5.84 43.16 2.97
C PRO A 94 4.33 43.10 2.76
N VAL A 95 3.80 41.88 2.72
CA VAL A 95 2.37 41.66 2.57
C VAL A 95 2.00 40.52 3.51
N GLU A 96 0.70 40.41 3.77
CA GLU A 96 0.14 39.34 4.58
C GLU A 96 -0.43 38.19 3.75
N GLN A 97 -0.65 38.41 2.47
CA GLN A 97 -1.02 37.37 1.51
C GLN A 97 -0.84 37.91 0.11
N MET A 98 -0.51 37.02 -0.81
CA MET A 98 -0.32 37.38 -2.20
C MET A 98 -0.75 36.21 -3.08
N GLU A 99 -0.79 36.46 -4.38
CA GLU A 99 -1.18 35.45 -5.36
C GLU A 99 0.01 35.12 -6.26
N CYS A 100 0.19 33.85 -6.53
CA CYS A 100 1.12 33.30 -7.50
C CYS A 100 0.30 32.66 -8.62
N ARG A 101 0.70 32.89 -9.86
CA ARG A 101 -0.06 32.46 -11.02
C ARG A 101 0.86 31.84 -12.04
N LEU A 102 0.45 30.70 -12.52
CA LEU A 102 1.10 29.96 -13.60
C LEU A 102 0.16 30.01 -14.79
N LEU A 103 0.65 30.58 -15.91
CA LEU A 103 -0.18 30.72 -17.12
C LEU A 103 0.56 30.08 -18.29
N LEU A 104 -0.08 29.15 -18.96
CA LEU A 104 0.45 28.47 -20.15
C LEU A 104 -0.71 28.45 -21.13
N ASP A 105 -0.65 29.31 -22.16
CA ASP A 105 -1.80 29.58 -22.98
C ASP A 105 -2.38 28.31 -23.58
N GLY A 106 -3.67 28.13 -23.39
CA GLY A 106 -4.37 26.96 -23.89
C GLY A 106 -4.35 25.73 -23.01
N HIS A 107 -3.56 25.72 -21.92
CA HIS A 107 -3.37 24.51 -21.15
C HIS A 107 -3.49 24.71 -19.65
N ILE A 108 -2.96 25.79 -19.12
CA ILE A 108 -2.89 26.02 -17.68
C ILE A 108 -3.23 27.47 -17.40
N ASP A 109 -4.09 27.73 -16.40
CA ASP A 109 -4.25 29.06 -15.86
C ASP A 109 -4.60 28.87 -14.38
N LYS A 110 -3.60 29.01 -13.52
CA LYS A 110 -3.72 28.55 -12.15
C LYS A 110 -3.21 29.63 -11.23
N THR A 111 -4.04 30.09 -10.34
CA THR A 111 -3.63 31.01 -9.28
C THR A 111 -3.79 30.31 -7.94
N LEU A 112 -2.78 30.43 -7.08
CA LEU A 112 -2.84 30.00 -5.70
C LEU A 112 -2.63 31.21 -4.81
N VAL A 113 -3.27 31.15 -3.63
CA VAL A 113 -3.15 32.21 -2.64
C VAL A 113 -2.15 31.80 -1.58
N ILE A 114 -1.21 32.68 -1.28
CA ILE A 114 -0.14 32.41 -0.31
C ILE A 114 -0.36 33.27 0.91
N HIS A 115 -0.54 32.65 2.07
CA HIS A 115 -0.80 33.37 3.29
C HIS A 115 0.51 33.53 4.07
N GLY A 116 0.61 34.59 4.85
CA GLY A 116 1.67 34.73 5.82
C GLY A 116 1.57 33.65 6.89
N GLN A 117 2.64 33.51 7.64
CA GLN A 117 2.69 32.47 8.66
C GLN A 117 1.72 32.79 9.79
N ARG A 118 1.09 31.76 10.32
CA ARG A 118 0.05 31.87 11.33
C ARG A 118 0.28 30.86 12.45
N ASP A 119 -0.36 31.11 13.60
CA ASP A 119 -0.31 30.26 14.77
C ASP A 119 -1.67 29.66 15.06
N TRP A 120 -1.69 28.55 15.77
CA TRP A 120 -2.96 28.00 16.22
C TRP A 120 -3.43 28.81 17.43
N ILE A 121 -4.75 28.94 17.56
CA ILE A 121 -5.39 29.62 18.68
C ILE A 121 -6.37 28.63 19.29
N GLU A 122 -6.13 28.24 20.53
CA GLU A 122 -6.98 27.29 21.23
C GLU A 122 -7.97 28.02 22.13
N HIS A 123 -9.19 27.50 22.20
CA HIS A 123 -10.26 28.17 22.95
C HIS A 123 -11.27 27.09 23.36
N GLY A 124 -11.24 26.73 24.64
CA GLY A 124 -12.19 25.76 25.16
C GLY A 124 -12.35 24.54 24.29
N GLY A 125 -11.23 23.90 23.95
CA GLY A 125 -11.25 22.71 23.11
C GLY A 125 -11.50 22.97 21.63
N SER A 126 -11.70 24.21 21.22
CA SER A 126 -11.85 24.58 19.82
C SER A 126 -10.62 25.38 19.37
N ILE A 127 -10.11 25.05 18.19
CA ILE A 127 -8.88 25.63 17.69
C ILE A 127 -9.16 26.38 16.40
N THR A 128 -8.56 27.56 16.28
CA THR A 128 -8.62 28.32 15.04
C THR A 128 -7.22 28.90 14.77
N VAL A 129 -7.12 29.74 13.75
CA VAL A 129 -5.85 30.30 13.31
C VAL A 129 -5.80 31.79 13.58
N SER A 130 -4.59 32.29 13.78
CA SER A 130 -4.38 33.71 13.98
C SER A 130 -4.33 34.45 12.65
N ASN A 131 -4.16 35.77 12.74
CA ASN A 131 -3.91 36.56 11.54
C ASN A 131 -2.55 36.21 10.96
N PRO A 132 -2.36 36.43 9.66
CA PRO A 132 -1.06 36.13 9.04
C PRO A 132 -0.01 37.19 9.34
N GLN A 133 1.23 36.75 9.43
CA GLN A 133 2.36 37.66 9.56
C GLN A 133 2.79 38.18 8.20
N SER A 134 3.31 39.39 8.19
CA SER A 134 3.80 39.96 6.94
C SER A 134 5.07 39.25 6.49
N PHE A 135 5.29 39.23 5.19
CA PHE A 135 6.47 38.59 4.66
C PHE A 135 6.88 39.23 3.35
N ILE A 136 8.16 39.05 3.02
CA ILE A 136 8.73 39.51 1.76
C ILE A 136 8.84 38.36 0.76
N ASP A 137 9.18 37.17 1.27
CA ASP A 137 9.34 35.96 0.48
C ASP A 137 9.10 34.78 1.40
N CYS A 138 8.68 33.65 0.81
CA CYS A 138 8.44 32.45 1.60
C CYS A 138 8.41 31.23 0.71
N ASP A 139 8.61 30.08 1.32
CA ASP A 139 8.49 28.80 0.62
C ASP A 139 7.02 28.47 0.39
N ILE A 140 6.79 27.65 -0.64
CA ILE A 140 5.42 27.32 -1.04
C ILE A 140 5.29 25.85 -1.44
N ASP A 141 6.17 25.01 -0.93
CA ASP A 141 6.13 23.59 -1.22
C ASP A 141 5.03 22.93 -0.37
N TYR A 142 4.83 21.63 -0.59
CA TYR A 142 3.66 20.94 -0.01
C TYR A 142 3.73 20.78 1.50
N SER A 143 4.89 21.06 2.13
CA SER A 143 4.89 21.12 3.59
C SER A 143 4.09 22.32 4.12
N HIS A 144 3.76 23.27 3.27
CA HIS A 144 2.89 24.42 3.59
C HIS A 144 1.48 24.28 3.06
N ALA A 145 1.15 23.13 2.52
CA ALA A 145 -0.21 22.86 2.05
C ALA A 145 -0.95 22.10 3.13
N ILE A 146 -2.28 22.02 2.97
CA ILE A 146 -3.12 21.22 3.86
C ILE A 146 -2.65 19.77 3.85
N GLY A 147 -2.64 19.18 5.05
CA GLY A 147 -2.27 17.78 5.17
C GLY A 147 -1.85 17.47 6.58
N GLY A 148 -1.07 16.39 6.71
CA GLY A 148 -0.54 15.95 7.98
C GLY A 148 -0.89 14.50 8.20
N GLU A 149 -1.86 14.24 9.07
CA GLU A 149 -2.42 12.91 9.24
C GLU A 149 -3.51 12.72 8.17
N ASP A 150 -3.06 12.59 6.93
CA ASP A 150 -3.94 12.65 5.75
C ASP A 150 -3.16 12.11 4.56
N GLU A 151 -3.66 11.03 3.97
CA GLU A 151 -2.88 10.40 2.89
C GLU A 151 -2.84 11.25 1.64
N ARG A 152 -3.69 12.26 1.53
CA ARG A 152 -3.58 13.20 0.42
C ARG A 152 -2.23 13.92 0.44
N ASN A 153 -1.71 14.21 1.63
CA ASN A 153 -0.45 14.95 1.76
C ASN A 153 0.05 14.76 3.19
N ARG A 154 0.84 13.72 3.41
CA ARG A 154 1.28 13.44 4.77
C ARG A 154 2.42 14.36 5.22
N ILE A 155 2.83 15.34 4.41
CA ILE A 155 3.86 16.27 4.88
C ILE A 155 3.31 17.66 5.11
N GLY A 156 2.02 17.84 4.91
CA GLY A 156 1.39 19.13 5.12
C GLY A 156 1.00 19.31 6.57
N GLY A 157 0.20 20.34 6.81
CA GLY A 157 -0.30 20.63 8.13
C GLY A 157 -1.79 20.94 8.10
N GLY A 158 -2.40 20.82 9.27
CA GLY A 158 -3.79 21.21 9.44
C GLY A 158 -4.78 20.06 9.53
N VAL A 159 -4.34 18.84 9.37
CA VAL A 159 -5.19 17.67 9.49
C VAL A 159 -4.62 16.75 10.56
N ALA A 160 -5.38 16.51 11.63
CA ALA A 160 -4.88 15.70 12.73
C ALA A 160 -6.05 15.00 13.41
N SER A 161 -5.74 13.92 14.12
CA SER A 161 -6.73 13.18 14.88
C SER A 161 -6.99 13.77 16.27
N SER A 162 -6.19 14.73 16.72
CA SER A 162 -6.39 15.31 18.04
C SER A 162 -5.86 16.72 18.06
N ASN A 163 -6.43 17.55 18.94
CA ASN A 163 -5.92 18.89 19.13
C ASN A 163 -4.45 18.87 19.52
N LYS A 164 -4.04 17.90 20.34
CA LYS A 164 -2.64 17.83 20.73
C LYS A 164 -1.74 17.68 19.50
N VAL A 165 -2.08 16.75 18.61
CA VAL A 165 -1.28 16.60 17.40
C VAL A 165 -1.40 17.85 16.53
N LEU A 166 -2.59 18.41 16.42
CA LEU A 166 -2.76 19.55 15.53
C LEU A 166 -1.82 20.68 15.89
N LEU A 167 -1.54 20.87 17.20
CA LEU A 167 -0.75 22.00 17.65
C LEU A 167 0.75 21.82 17.38
N THR A 168 1.19 20.61 16.99
CA THR A 168 2.56 20.37 16.61
C THR A 168 2.78 20.52 15.11
N GLN A 169 1.74 20.81 14.35
CA GLN A 169 1.80 20.97 12.91
C GLN A 169 1.90 22.45 12.57
N ARG A 170 2.41 22.71 11.38
CA ARG A 170 2.44 24.08 10.85
C ARG A 170 1.09 24.42 10.20
N VAL A 171 0.55 25.57 10.58
CA VAL A 171 -0.68 26.04 9.90
C VAL A 171 -0.44 26.14 8.39
N PRO A 172 -1.23 25.52 7.55
CA PRO A 172 -0.98 25.60 6.12
C PRO A 172 -1.22 27.01 5.61
N SER A 173 -0.51 27.35 4.55
CA SER A 173 -0.50 28.70 4.01
C SER A 173 -0.72 28.79 2.51
N VAL A 174 -0.74 27.69 1.77
CA VAL A 174 -0.91 27.70 0.33
C VAL A 174 -2.27 27.07 0.04
N PHE A 175 -3.12 27.82 -0.66
CA PHE A 175 -4.48 27.38 -0.98
C PHE A 175 -4.91 27.86 -2.35
N TYR A 176 -5.87 27.17 -2.91
CA TYR A 176 -6.60 27.70 -4.04
C TYR A 176 -7.38 28.93 -3.60
N PRO A 177 -7.76 29.81 -4.53
CA PRO A 177 -8.56 30.99 -4.16
C PRO A 177 -9.86 30.59 -3.50
N LYS A 178 -10.24 31.34 -2.49
CA LYS A 178 -11.49 31.14 -1.75
C LYS A 178 -11.46 29.91 -0.86
N GLU A 179 -10.28 29.38 -0.56
CA GLU A 179 -10.16 28.26 0.36
C GLU A 179 -9.15 28.63 1.44
N ASP A 180 -9.39 28.13 2.64
CA ASP A 180 -8.47 28.30 3.75
C ASP A 180 -8.64 27.10 4.66
N TRP A 181 -7.88 27.08 5.74
CA TRP A 181 -7.96 25.95 6.66
C TRP A 181 -9.32 25.92 7.34
N ASP A 182 -9.92 24.73 7.37
CA ASP A 182 -11.12 24.46 8.14
C ASP A 182 -10.95 23.10 8.81
N ALA A 183 -11.56 22.94 9.98
CA ALA A 183 -11.47 21.66 10.69
C ALA A 183 -11.92 20.49 9.82
N THR A 184 -12.91 20.71 8.94
CA THR A 184 -13.35 19.68 8.00
C THR A 184 -12.33 19.65 6.85
N SER A 185 -11.38 18.71 6.94
CA SER A 185 -10.19 18.78 6.09
C SER A 185 -10.49 18.45 4.63
N LYS A 186 -11.40 17.51 4.38
CA LYS A 186 -11.61 17.03 3.01
C LYS A 186 -12.28 18.07 2.11
N LYS A 187 -12.76 19.18 2.66
CA LYS A 187 -13.32 20.26 1.87
C LYS A 187 -12.25 21.24 1.40
N VAL A 188 -10.98 21.05 1.78
CA VAL A 188 -9.89 21.96 1.42
C VAL A 188 -8.90 21.18 0.57
N ARG A 189 -8.59 21.70 -0.60
CA ARG A 189 -7.71 20.99 -1.54
C ARG A 189 -6.23 21.19 -1.20
N VAL A 190 -5.43 20.16 -1.49
CA VAL A 190 -3.99 20.31 -1.43
C VAL A 190 -3.54 21.14 -2.62
N ALA A 191 -2.74 22.16 -2.35
CA ALA A 191 -2.42 23.17 -3.36
C ALA A 191 -0.92 23.37 -3.46
N GLY A 192 -0.44 23.51 -4.70
CA GLY A 192 0.96 23.82 -4.93
C GLY A 192 1.25 23.71 -6.40
N PHE A 193 2.42 24.20 -6.77
CA PHE A 193 2.88 24.15 -8.15
C PHE A 193 3.93 23.06 -8.38
N GLY A 194 4.44 22.45 -7.33
CA GLY A 194 5.55 21.54 -7.42
C GLY A 194 5.14 20.12 -7.77
N PRO A 195 6.13 19.29 -8.11
CA PRO A 195 5.83 17.91 -8.50
C PRO A 195 5.16 17.13 -7.34
N ILE A 196 4.25 16.25 -7.73
CA ILE A 196 3.45 15.43 -6.85
C ILE A 196 4.29 14.25 -6.43
N PRO A 197 4.64 14.12 -5.16
CA PRO A 197 5.43 12.98 -4.73
C PRO A 197 4.63 11.70 -4.91
N PRO A 198 5.28 10.62 -5.28
CA PRO A 198 4.57 9.34 -5.38
C PRO A 198 3.87 8.90 -4.11
N PHE A 199 4.23 9.45 -2.96
CA PHE A 199 3.57 9.05 -1.71
C PHE A 199 2.28 9.83 -1.45
N PHE A 200 1.91 10.72 -2.35
CA PHE A 200 0.60 11.35 -2.31
C PHE A 200 -0.45 10.35 -2.80
N LYS A 201 -1.57 10.31 -2.12
CA LYS A 201 -2.59 9.32 -2.48
C LYS A 201 -3.00 9.46 -3.94
N GLN A 202 -3.08 10.69 -4.43
CA GLN A 202 -3.55 10.88 -5.80
C GLN A 202 -2.64 10.13 -6.77
N ARG A 203 -1.37 9.94 -6.41
CA ARG A 203 -0.48 9.22 -7.31
C ARG A 203 -0.39 7.73 -6.98
N TYR A 204 -0.10 7.38 -5.70
CA TYR A 204 0.17 5.95 -5.45
C TYR A 204 -1.08 5.10 -5.68
N GLN A 205 -2.28 5.65 -5.49
CA GLN A 205 -3.49 4.95 -5.93
C GLN A 205 -3.39 4.46 -7.36
N LEU A 206 -2.73 5.23 -8.25
CA LEU A 206 -2.67 4.81 -9.64
C LEU A 206 -1.75 3.65 -9.88
N ALA A 207 -0.93 3.27 -8.91
CA ALA A 207 -0.04 2.12 -9.06
C ALA A 207 -0.74 0.79 -8.79
N GLY A 208 -1.97 0.81 -8.30
CA GLY A 208 -2.77 -0.39 -8.15
C GLY A 208 -2.67 -0.98 -6.74
N THR A 209 -3.35 -2.13 -6.57
CA THR A 209 -3.54 -2.76 -5.28
C THR A 209 -2.52 -3.87 -5.07
N PHE A 210 -1.61 -3.67 -4.12
CA PHE A 210 -0.59 -4.66 -3.79
C PHE A 210 -1.12 -5.49 -2.62
N ASP A 211 -2.18 -6.26 -2.90
CA ASP A 211 -2.82 -7.04 -1.85
C ASP A 211 -2.35 -8.50 -1.89
N ASP A 212 -3.01 -9.33 -1.08
CA ASP A 212 -2.61 -10.75 -1.02
C ASP A 212 -2.88 -11.48 -2.33
N ASN A 213 -4.02 -11.17 -2.95
CA ASN A 213 -4.30 -11.63 -4.31
C ASN A 213 -3.14 -11.32 -5.24
N TRP A 214 -2.64 -10.08 -5.22
CA TRP A 214 -1.51 -9.72 -6.07
C TRP A 214 -0.27 -10.54 -5.70
N LEU A 215 0.04 -10.57 -4.42
CA LEU A 215 1.20 -11.32 -3.94
C LEU A 215 1.21 -12.78 -4.42
N GLU A 216 0.04 -13.42 -4.43
CA GLU A 216 -0.02 -14.86 -4.70
C GLU A 216 -0.26 -15.21 -6.17
N ASN A 217 -0.91 -14.33 -6.94
CA ASN A 217 -1.43 -14.72 -8.23
C ASN A 217 -1.00 -13.80 -9.39
N ARG A 218 -0.45 -12.63 -9.11
CA ARG A 218 -0.13 -11.64 -10.14
C ARG A 218 1.35 -11.33 -10.21
N ARG A 219 1.98 -11.06 -9.07
CA ARG A 219 3.41 -10.92 -8.93
C ARG A 219 4.07 -11.99 -9.76
N PRO A 220 5.18 -11.68 -10.46
CA PRO A 220 5.95 -10.43 -10.45
C PRO A 220 5.37 -9.32 -11.29
N LEU A 221 4.35 -9.57 -12.09
CA LEU A 221 3.67 -8.50 -12.80
C LEU A 221 3.17 -7.44 -11.84
N LEU A 222 2.98 -6.23 -12.36
CA LEU A 222 2.34 -5.19 -11.55
C LEU A 222 0.86 -5.51 -11.42
N PRO A 223 0.20 -4.88 -10.44
CA PRO A 223 -1.23 -5.13 -10.25
C PRO A 223 -2.06 -4.82 -11.48
N VAL A 224 -3.14 -5.59 -11.63
CA VAL A 224 -3.99 -5.46 -12.80
C VAL A 224 -4.57 -4.07 -12.92
N ASP A 225 -4.81 -3.38 -11.79
CA ASP A 225 -5.29 -2.01 -11.84
C ASP A 225 -4.15 -0.98 -11.84
N PHE A 226 -2.93 -1.38 -12.20
CA PHE A 226 -1.88 -0.40 -12.43
C PHE A 226 -2.28 0.49 -13.61
N ASP A 227 -1.94 1.77 -13.53
CA ASP A 227 -2.41 2.79 -14.48
C ASP A 227 -1.21 3.64 -14.86
N ARG A 228 -0.84 3.63 -16.13
CA ARG A 228 0.33 4.39 -16.58
C ARG A 228 0.24 5.88 -16.24
N ARG A 229 -0.94 6.41 -15.90
N ARG A 229 -0.93 6.41 -15.91
CA ARG A 229 -1.00 7.79 -15.42
CA ARG A 229 -0.99 7.78 -15.43
C ARG A 229 -0.15 7.99 -14.17
C ARG A 229 -0.14 7.98 -14.18
N TYR A 230 0.18 6.90 -13.47
CA TYR A 230 1.09 6.99 -12.33
C TYR A 230 2.39 7.73 -12.66
N TYR A 231 2.86 7.64 -13.90
CA TYR A 231 4.12 8.29 -14.25
C TYR A 231 4.06 9.81 -14.32
N GLN A 232 2.86 10.42 -14.38
CA GLN A 232 2.76 11.89 -14.44
C GLN A 232 3.10 12.48 -13.09
N SER A 233 4.02 13.46 -13.05
CA SER A 233 4.41 14.04 -11.76
C SER A 233 3.91 15.46 -11.56
N ALA A 234 3.16 16.04 -12.54
CA ALA A 234 2.63 17.36 -12.25
C ALA A 234 1.29 17.25 -11.56
N PRO A 235 0.92 18.29 -10.80
CA PRO A 235 -0.47 18.44 -10.39
C PRO A 235 -1.39 18.35 -11.60
N LEU A 236 -2.59 17.81 -11.36
CA LEU A 236 -3.51 17.47 -12.44
C LEU A 236 -3.86 18.70 -13.30
N ASP A 237 -4.04 19.84 -12.67
CA ASP A 237 -4.27 21.09 -13.43
C ASP A 237 -2.99 21.71 -13.96
N GLN A 238 -1.87 21.03 -13.89
CA GLN A 238 -0.65 21.44 -14.56
C GLN A 238 -0.22 20.36 -15.54
N GLN A 239 -1.08 19.42 -15.82
CA GLN A 239 -0.87 18.46 -16.90
C GLN A 239 -1.51 19.04 -18.15
N CYS A 240 -0.75 19.05 -19.25
CA CYS A 240 -1.18 19.76 -20.45
C CYS A 240 -2.20 18.93 -21.24
N LYS A 241 -2.82 19.58 -22.22
CA LYS A 241 -3.78 18.92 -23.10
C LYS A 241 -2.98 18.24 -24.19
N GLY A 242 -2.60 17.02 -23.97
CA GLY A 242 -1.62 16.36 -24.82
C GLY A 242 -0.21 16.87 -24.59
N TYR A 243 0.63 16.70 -25.61
CA TYR A 243 2.00 17.18 -25.56
C TYR A 243 2.09 18.57 -26.16
N LEU A 244 2.89 19.43 -25.53
CA LEU A 244 3.20 20.73 -26.12
C LEU A 244 3.99 20.53 -27.41
N GLN A 245 3.73 21.42 -28.37
CA GLN A 245 4.25 21.28 -29.73
C GLN A 245 5.32 22.30 -30.06
N GLY A 246 5.46 23.34 -29.24
CA GLY A 246 6.40 24.40 -29.52
C GLY A 246 5.71 25.74 -29.69
N GLY A 247 6.35 26.81 -29.26
CA GLY A 247 5.78 28.13 -29.42
C GLY A 247 4.81 28.56 -28.37
N GLU A 248 4.37 27.67 -27.48
CA GLU A 248 3.45 28.07 -26.43
C GLU A 248 4.13 29.06 -25.48
N ARG A 249 3.34 29.98 -24.95
CA ARG A 249 3.85 31.03 -24.07
C ARG A 249 3.60 30.66 -22.62
N LEU A 250 4.65 30.75 -21.79
CA LEU A 250 4.54 30.45 -20.37
C LEU A 250 4.76 31.75 -19.61
N MET A 251 3.93 31.99 -18.60
CA MET A 251 4.05 33.18 -17.77
C MET A 251 3.86 32.83 -16.30
N LEU A 252 4.75 33.35 -15.46
CA LEU A 252 4.67 33.14 -14.02
C LEU A 252 4.79 34.48 -13.33
N SER A 253 3.81 34.80 -12.51
CA SER A 253 3.80 36.02 -11.71
C SER A 253 3.72 35.67 -10.24
N GLY A 254 4.44 36.47 -9.44
CA GLY A 254 4.50 36.30 -8.00
C GLY A 254 5.70 35.52 -7.51
N PHE A 255 6.63 35.14 -8.38
CA PHE A 255 7.80 34.35 -8.03
C PHE A 255 9.06 35.22 -8.07
N SER A 256 8.93 36.47 -8.46
CA SER A 256 10.02 37.42 -8.50
C SER A 256 9.53 38.74 -7.90
N HIS A 257 10.43 39.44 -7.22
CA HIS A 257 10.06 40.73 -6.63
C HIS A 257 9.75 41.76 -7.71
N ASP A 258 10.48 41.72 -8.81
CA ASP A 258 10.54 42.84 -9.76
C ASP A 258 9.75 42.64 -11.03
N ASP A 259 9.86 41.47 -11.67
CA ASP A 259 9.23 41.26 -12.98
C ASP A 259 8.55 39.90 -13.02
N ILE A 260 7.68 39.74 -14.00
CA ILE A 260 7.10 38.44 -14.32
C ILE A 260 8.13 37.63 -15.10
N PHE A 261 8.06 36.32 -14.96
CA PHE A 261 8.86 35.40 -15.78
C PHE A 261 8.08 35.08 -17.04
N SER A 262 8.77 35.09 -18.17
CA SER A 262 8.15 34.83 -19.47
C SER A 262 9.09 33.96 -20.29
N PHE A 263 8.52 32.96 -20.95
CA PHE A 263 9.27 31.94 -21.68
C PHE A 263 8.40 31.40 -22.80
N ARG A 264 8.97 31.25 -23.98
CA ARG A 264 8.29 30.70 -25.13
C ARG A 264 9.01 29.42 -25.55
N LEU A 265 8.24 28.34 -25.68
CA LEU A 265 8.87 27.04 -25.90
C LEU A 265 9.50 27.01 -27.29
N PRO A 266 10.70 26.45 -27.43
CA PRO A 266 11.25 26.23 -28.77
C PRO A 266 10.35 25.31 -29.58
N ARG A 267 10.50 25.39 -30.89
CA ARG A 267 9.70 24.64 -31.84
C ARG A 267 10.40 23.38 -32.36
N GLU A 268 11.67 23.17 -32.03
CA GLU A 268 12.36 21.99 -32.50
C GLU A 268 11.65 20.74 -31.95
N LYS A 269 11.51 19.72 -32.79
CA LYS A 269 11.00 18.42 -32.42
C LYS A 269 12.06 17.39 -32.78
N TYR A 270 12.03 16.25 -32.06
CA TYR A 270 13.08 15.25 -32.23
C TYR A 270 12.51 13.87 -32.46
N ARG A 271 13.30 13.06 -33.17
CA ARG A 271 13.07 11.66 -33.44
C ARG A 271 14.29 10.87 -33.02
N ALA A 272 14.08 9.72 -32.38
CA ALA A 272 15.16 8.86 -31.95
C ALA A 272 15.15 7.57 -32.74
N SER A 273 16.33 6.96 -32.87
CA SER A 273 16.50 5.67 -33.53
C SER A 273 17.36 4.79 -32.63
N ALA A 274 16.86 3.59 -32.36
CA ALA A 274 17.57 2.60 -31.57
C ALA A 274 17.82 1.37 -32.45
N ASP A 275 19.03 0.83 -32.38
CA ASP A 275 19.43 -0.30 -33.22
C ASP A 275 19.52 -1.54 -32.33
N PHE A 276 18.58 -2.47 -32.52
CA PHE A 276 18.57 -3.75 -31.84
C PHE A 276 18.95 -4.86 -32.83
N GLY A 277 20.21 -4.87 -33.21
CA GLY A 277 20.72 -5.87 -34.15
C GLY A 277 20.51 -5.41 -35.59
N ASP A 278 19.76 -6.21 -36.36
CA ASP A 278 19.41 -5.85 -37.72
C ASP A 278 18.15 -5.01 -37.79
N ASP A 279 17.49 -4.79 -36.65
CA ASP A 279 16.23 -4.07 -36.58
C ASP A 279 16.50 -2.63 -36.16
N GLN A 280 16.16 -1.68 -37.04
CA GLN A 280 16.24 -0.26 -36.76
C GLN A 280 14.86 0.27 -36.44
N GLU A 281 14.72 0.94 -35.29
CA GLU A 281 13.44 1.40 -34.79
C GLU A 281 13.44 2.91 -34.67
N PHE A 282 12.30 3.54 -34.96
CA PHE A 282 12.14 4.99 -34.98
C PHE A 282 10.93 5.41 -34.14
N LYS A 283 11.13 6.32 -33.20
CA LYS A 283 10.04 6.84 -32.38
C LYS A 283 10.22 8.34 -32.19
N ASP A 284 9.12 9.07 -32.33
CA ASP A 284 9.14 10.50 -32.08
C ASP A 284 9.33 10.72 -30.59
N LEU A 285 10.24 11.60 -30.21
CA LEU A 285 10.25 12.10 -28.84
C LEU A 285 9.07 13.04 -28.63
N GLU A 286 8.57 13.09 -27.40
CA GLU A 286 7.60 14.11 -27.00
C GLU A 286 8.16 14.86 -25.80
N LEU A 287 7.68 16.07 -25.61
CA LEU A 287 8.06 16.86 -24.44
C LEU A 287 7.33 16.31 -23.22
N TYR A 288 8.08 15.72 -22.30
CA TYR A 288 7.49 15.09 -21.12
C TYR A 288 7.42 16.05 -19.95
N THR A 289 8.40 16.93 -19.81
CA THR A 289 8.48 17.77 -18.63
C THR A 289 9.01 19.15 -18.97
N VAL A 290 8.34 20.14 -18.41
CA VAL A 290 8.76 21.52 -18.37
C VAL A 290 8.89 21.82 -16.90
N PHE A 291 10.11 22.11 -16.45
CA PHE A 291 10.43 22.33 -15.05
C PHE A 291 10.94 23.76 -14.93
N VAL A 292 10.19 24.61 -14.25
CA VAL A 292 10.52 26.03 -14.13
C VAL A 292 11.10 26.26 -12.73
N ASP A 293 12.35 26.65 -12.65
CA ASP A 293 12.99 26.92 -11.37
C ASP A 293 13.16 28.42 -11.31
N THR A 294 12.32 29.10 -10.57
CA THR A 294 12.33 30.56 -10.61
C THR A 294 13.41 31.14 -9.72
N GLU A 295 13.92 30.35 -8.75
CA GLU A 295 15.04 30.83 -7.94
C GLU A 295 16.32 30.85 -8.74
N LYS A 296 16.54 29.84 -9.57
CA LYS A 296 17.73 29.78 -10.41
C LYS A 296 17.55 30.48 -11.74
N GLY A 297 16.31 30.77 -12.15
CA GLY A 297 16.06 31.38 -13.44
C GLY A 297 16.39 30.47 -14.60
N VAL A 298 15.98 29.20 -14.50
CA VAL A 298 16.21 28.22 -15.56
C VAL A 298 14.92 27.47 -15.87
N VAL A 299 14.73 27.12 -17.12
CA VAL A 299 13.63 26.28 -17.54
C VAL A 299 14.26 25.05 -18.15
N SER A 300 13.90 23.88 -17.62
CA SER A 300 14.39 22.61 -18.14
C SER A 300 13.30 22.01 -19.03
N LEU A 301 13.72 21.43 -20.14
CA LEU A 301 12.81 20.78 -21.08
C LEU A 301 13.33 19.37 -21.29
N THR A 302 12.54 18.37 -20.92
CA THR A 302 12.94 16.98 -21.08
C THR A 302 12.02 16.30 -22.07
N TYR A 303 12.62 15.79 -23.12
CA TYR A 303 11.95 15.06 -24.16
C TYR A 303 12.27 13.58 -23.98
N SER A 304 11.35 12.73 -24.41
CA SER A 304 11.54 11.30 -24.11
C SER A 304 10.84 10.43 -25.14
N ALA A 305 11.37 9.25 -25.32
CA ALA A 305 10.78 8.19 -26.12
C ALA A 305 11.19 6.86 -25.49
N ALA A 306 10.38 5.82 -25.69
CA ALA A 306 10.59 4.52 -25.06
C ALA A 306 10.51 3.43 -26.10
N PHE A 307 11.52 2.57 -26.12
CA PHE A 307 11.62 1.48 -27.08
C PHE A 307 11.47 0.15 -26.33
N ALA A 308 10.40 -0.59 -26.63
CA ALA A 308 10.22 -1.89 -26.01
C ALA A 308 11.25 -2.87 -26.55
N CYS A 309 11.99 -3.50 -25.64
CA CYS A 309 13.08 -4.38 -26.02
C CYS A 309 13.22 -5.56 -25.05
N GLN A 310 12.13 -6.30 -24.83
CA GLN A 310 12.26 -7.56 -24.12
C GLN A 310 12.71 -8.68 -25.06
N GLU A 311 12.56 -8.48 -26.37
CA GLU A 311 12.99 -9.45 -27.34
C GLU A 311 14.50 -9.44 -27.49
N LYS A 312 15.10 -8.25 -27.49
CA LYS A 312 16.50 -8.09 -27.84
C LYS A 312 17.18 -7.06 -26.94
N GLU A 313 17.20 -7.33 -25.65
CA GLU A 313 17.90 -6.44 -24.72
C GLU A 313 19.37 -6.31 -25.06
N HIS A 314 20.10 -7.43 -24.99
CA HIS A 314 21.54 -7.44 -25.15
C HIS A 314 21.98 -6.95 -26.52
N LEU A 315 21.10 -7.02 -27.50
CA LEU A 315 21.39 -6.66 -28.88
C LEU A 315 21.28 -5.16 -29.17
N LEU A 316 21.18 -4.31 -28.14
CA LEU A 316 21.14 -2.86 -28.37
C LEU A 316 22.53 -2.37 -28.73
N LYS A 317 22.67 -1.81 -29.92
CA LYS A 317 23.96 -1.30 -30.39
C LYS A 317 24.08 0.20 -30.19
N SER A 318 23.12 0.98 -30.68
CA SER A 318 23.26 2.42 -30.76
C SER A 318 21.91 3.10 -30.59
N THR A 319 21.96 4.36 -30.17
CA THR A 319 20.80 5.25 -30.14
C THR A 319 21.24 6.59 -30.68
N SER A 320 20.48 7.12 -31.58
CA SER A 320 20.76 8.43 -32.17
C SER A 320 19.49 9.28 -32.15
N ILE A 321 19.67 10.60 -32.05
CA ILE A 321 18.59 11.57 -32.06
C ILE A 321 18.85 12.54 -33.19
N GLN A 322 17.84 12.80 -34.01
CA GLN A 322 17.93 13.82 -35.04
C GLN A 322 16.74 14.76 -34.93
N ALA A 323 16.98 16.03 -35.21
CA ALA A 323 15.89 17.00 -35.25
C ALA A 323 15.00 16.74 -36.45
N VAL A 324 13.72 17.00 -36.29
CA VAL A 324 12.75 16.84 -37.36
C VAL A 324 12.65 18.16 -38.12
N VAL A 325 12.77 18.10 -39.44
CA VAL A 325 12.73 19.29 -40.28
C VAL A 325 11.33 19.47 -40.84
N TRP B 4 6.43 -47.81 5.43
CA TRP B 4 6.82 -46.57 6.09
C TRP B 4 6.84 -45.43 5.09
N ASP B 5 7.69 -45.55 4.08
CA ASP B 5 7.83 -44.50 3.06
C ASP B 5 6.64 -44.56 2.11
N ILE B 6 5.84 -43.49 2.08
CA ILE B 6 4.57 -43.47 1.38
C ILE B 6 4.59 -42.34 0.36
N ASN B 7 4.02 -42.60 -0.82
CA ASN B 7 3.68 -41.52 -1.76
C ASN B 7 2.22 -41.08 -1.58
N ASP B 8 1.28 -42.01 -1.76
CA ASP B 8 -0.15 -41.76 -1.55
C ASP B 8 -0.54 -42.34 -0.19
N HIS B 9 -0.89 -41.46 0.75
CA HIS B 9 -1.02 -41.85 2.15
C HIS B 9 -2.37 -42.46 2.44
N PRO B 10 -2.44 -43.39 3.40
CA PRO B 10 -3.73 -44.02 3.71
C PRO B 10 -4.70 -43.12 4.45
N TYR B 11 -4.25 -42.22 5.33
CA TYR B 11 -5.18 -41.38 6.08
C TYR B 11 -4.94 -39.86 5.97
N LEU B 12 -3.77 -39.42 5.53
CA LEU B 12 -3.53 -38.01 5.34
C LEU B 12 -4.01 -37.59 3.95
N ASN B 13 -4.59 -36.40 3.87
CA ASN B 13 -4.74 -35.73 2.58
C ASN B 13 -3.49 -34.88 2.37
N ILE B 14 -2.82 -35.05 1.24
CA ILE B 14 -1.58 -34.37 0.94
C ILE B 14 -1.73 -33.68 -0.40
N LYS B 15 -1.18 -32.47 -0.53
CA LYS B 15 -1.23 -31.69 -1.76
C LYS B 15 0.03 -30.85 -1.82
N GLY B 16 0.57 -30.71 -3.02
CA GLY B 16 1.74 -29.89 -3.23
C GLY B 16 1.42 -28.77 -4.20
N ARG B 17 2.11 -27.65 -4.02
CA ARG B 17 1.91 -26.50 -4.88
C ARG B 17 3.17 -25.66 -4.87
N PHE B 18 3.51 -25.13 -6.05
CA PHE B 18 4.64 -24.23 -6.15
C PHE B 18 4.24 -22.83 -5.71
N GLN B 19 5.14 -22.18 -4.98
CA GLN B 19 4.98 -20.81 -4.53
C GLN B 19 6.26 -20.10 -4.91
N ARG B 20 6.23 -18.78 -4.89
CA ARG B 20 7.40 -17.97 -5.15
C ARG B 20 7.81 -17.30 -3.85
N ASP B 21 9.10 -17.33 -3.54
CA ASP B 21 9.58 -16.72 -2.30
C ASP B 21 9.86 -15.24 -2.55
N GLU B 22 10.36 -14.56 -1.52
CA GLU B 22 10.49 -13.11 -1.58
C GLU B 22 11.49 -12.68 -2.66
N ASN B 23 12.32 -13.59 -3.16
CA ASN B 23 13.25 -13.28 -4.23
C ASN B 23 12.76 -13.78 -5.58
N GLY B 24 11.51 -14.18 -5.69
CA GLY B 24 10.97 -14.67 -6.95
C GLY B 24 11.30 -16.10 -7.30
N ASP B 25 12.01 -16.80 -6.43
CA ASP B 25 12.42 -18.18 -6.68
C ASP B 25 11.33 -19.17 -6.30
N GLU B 26 11.28 -20.27 -7.04
CA GLU B 26 10.23 -21.26 -6.86
C GLU B 26 10.47 -22.07 -5.60
N VAL B 27 9.40 -22.41 -4.91
CA VAL B 27 9.43 -23.24 -3.71
C VAL B 27 8.30 -24.25 -3.80
N TRP B 28 8.62 -25.51 -3.46
CA TRP B 28 7.65 -26.60 -3.48
C TRP B 28 7.12 -26.74 -2.06
N VAL B 29 5.87 -26.37 -1.87
CA VAL B 29 5.25 -26.39 -0.54
C VAL B 29 4.35 -27.62 -0.47
N VAL B 30 4.63 -28.46 0.51
CA VAL B 30 3.89 -29.69 0.72
C VAL B 30 3.04 -29.49 1.97
N SER B 31 1.74 -29.74 1.86
CA SER B 31 0.82 -29.61 2.98
C SER B 31 0.08 -30.91 3.12
N ALA B 32 0.01 -31.41 4.35
CA ALA B 32 -0.77 -32.59 4.70
C ALA B 32 -1.80 -32.17 5.72
N LYS B 33 -2.99 -32.76 5.65
CA LYS B 33 -4.11 -32.29 6.46
C LYS B 33 -4.88 -33.46 7.00
N ARG B 34 -5.34 -33.32 8.24
CA ARG B 34 -6.25 -34.26 8.87
C ARG B 34 -7.37 -33.44 9.51
N MET B 35 -8.57 -34.03 9.56
CA MET B 35 -9.68 -33.40 10.24
C MET B 35 -10.32 -34.41 11.20
N TRP B 36 -10.59 -33.95 12.41
CA TRP B 36 -11.20 -34.72 13.47
C TRP B 36 -12.60 -34.20 13.73
N SER B 37 -13.57 -35.10 13.75
CA SER B 37 -14.96 -34.73 14.02
C SER B 37 -15.19 -34.83 15.52
N LEU B 38 -15.45 -33.69 16.17
CA LEU B 38 -15.82 -33.70 17.57
C LEU B 38 -17.18 -34.35 17.78
N THR B 39 -17.92 -34.63 16.70
CA THR B 39 -19.25 -35.22 16.76
C THR B 39 -19.25 -36.70 16.44
N GLN B 40 -18.50 -37.13 15.45
CA GLN B 40 -18.37 -38.54 15.11
C GLN B 40 -17.21 -39.26 15.85
N ASN B 41 -16.39 -38.53 16.61
CA ASN B 41 -15.24 -39.12 17.31
C ASN B 41 -14.41 -39.97 16.37
N GLU B 42 -14.07 -39.40 15.22
CA GLU B 42 -13.28 -40.11 14.24
C GLU B 42 -12.56 -39.10 13.36
N TRP B 43 -11.46 -39.57 12.77
CA TRP B 43 -10.78 -38.87 11.70
C TRP B 43 -11.56 -39.03 10.40
N LEU B 44 -11.80 -37.93 9.71
CA LEU B 44 -12.38 -38.03 8.38
C LEU B 44 -11.38 -38.69 7.44
N SER B 45 -11.90 -39.43 6.47
CA SER B 45 -11.04 -40.01 5.44
C SER B 45 -10.42 -38.92 4.58
N ALA B 46 -9.29 -39.25 3.98
CA ALA B 46 -8.54 -38.28 3.20
C ALA B 46 -9.38 -37.63 2.09
N ASP B 47 -10.37 -38.34 1.55
CA ASP B 47 -11.15 -37.78 0.46
C ASP B 47 -12.23 -36.81 0.94
N GLU B 48 -12.54 -36.79 2.22
CA GLU B 48 -13.40 -35.76 2.79
C GLU B 48 -12.63 -34.50 3.22
N VAL B 49 -11.30 -34.53 3.17
CA VAL B 49 -10.46 -33.46 3.68
C VAL B 49 -10.00 -32.62 2.49
N GLU B 50 -10.38 -31.34 2.49
CA GLU B 50 -9.93 -30.43 1.45
C GLU B 50 -8.81 -29.53 1.97
N ILE B 51 -7.69 -29.50 1.26
CA ILE B 51 -6.62 -28.55 1.49
C ILE B 51 -6.85 -27.36 0.57
N PHE B 52 -6.93 -26.14 1.14
CA PHE B 52 -7.42 -24.97 0.44
C PHE B 52 -6.32 -24.25 -0.31
N ASP B 53 -6.48 -24.17 -1.63
CA ASP B 53 -5.59 -23.47 -2.53
C ASP B 53 -5.74 -21.95 -2.42
N ASP B 54 -6.87 -21.49 -1.91
CA ASP B 54 -7.19 -20.05 -1.93
C ASP B 54 -7.89 -19.70 -0.63
N PRO B 55 -7.79 -18.44 -0.21
CA PRO B 55 -8.59 -17.96 0.93
C PRO B 55 -10.07 -17.99 0.63
N LEU B 56 -10.87 -18.00 1.70
CA LEU B 56 -12.32 -17.94 1.58
C LEU B 56 -12.82 -16.78 2.42
N TYR B 57 -13.61 -15.91 1.80
CA TYR B 57 -14.25 -14.79 2.47
C TYR B 57 -15.76 -14.96 2.55
N ALA B 58 -16.37 -14.31 3.55
CA ALA B 58 -17.83 -14.32 3.67
C ALA B 58 -18.48 -13.44 2.59
N GLY B 59 -17.77 -12.44 2.09
CA GLY B 59 -18.34 -11.52 1.15
C GLY B 59 -17.38 -11.13 0.05
N GLU B 60 -17.32 -9.87 -0.25
CA GLU B 60 -16.35 -9.38 -1.21
C GLU B 60 -14.95 -9.68 -0.68
N PRO B 61 -14.10 -10.38 -1.42
CA PRO B 61 -12.72 -10.59 -0.96
C PRO B 61 -12.04 -9.26 -0.69
N GLY B 62 -11.41 -9.13 0.49
CA GLY B 62 -10.74 -7.92 0.88
C GLY B 62 -11.60 -6.95 1.65
N PHE B 63 -12.91 -7.15 1.70
CA PHE B 63 -13.83 -6.24 2.37
C PHE B 63 -14.89 -7.06 3.11
N SER B 64 -14.52 -8.23 3.61
CA SER B 64 -15.42 -9.06 4.40
C SER B 64 -14.56 -9.96 5.27
N ALA B 65 -15.22 -10.63 6.21
CA ALA B 65 -14.52 -11.48 7.13
C ALA B 65 -13.86 -12.61 6.37
N MET B 66 -12.66 -12.95 6.76
CA MET B 66 -11.96 -14.10 6.19
C MET B 66 -12.40 -15.36 6.95
N ILE B 67 -12.98 -16.32 6.23
CA ILE B 67 -13.39 -17.59 6.84
C ILE B 67 -12.17 -18.48 7.08
N HIS B 68 -11.33 -18.65 6.04
CA HIS B 68 -10.05 -19.30 6.22
C HIS B 68 -9.07 -18.78 5.17
N ASP B 69 -7.80 -18.84 5.53
CA ASP B 69 -6.71 -18.48 4.62
C ASP B 69 -6.37 -19.72 3.78
N HIS B 70 -5.54 -19.51 2.76
CA HIS B 70 -5.01 -20.63 2.02
C HIS B 70 -3.98 -21.35 2.87
N GLU B 71 -3.56 -22.52 2.42
CA GLU B 71 -2.79 -23.43 3.26
C GLU B 71 -1.44 -23.76 2.65
N PHE B 72 -0.85 -22.82 1.90
CA PHE B 72 0.44 -23.06 1.27
C PHE B 72 1.42 -21.94 1.55
N ALA B 73 1.41 -21.43 2.78
CA ALA B 73 2.46 -20.50 3.19
C ALA B 73 3.82 -21.15 3.07
N ILE B 74 4.79 -20.41 2.58
CA ILE B 74 6.13 -20.96 2.42
C ILE B 74 6.77 -21.22 3.78
N HIS B 75 6.39 -20.45 4.82
CA HIS B 75 7.00 -20.56 6.14
C HIS B 75 6.11 -19.93 7.19
N LYS B 76 6.06 -20.57 8.34
CA LYS B 76 5.53 -20.00 9.58
C LYS B 76 6.54 -20.36 10.67
N HIS B 77 6.71 -19.49 11.66
CA HIS B 77 7.63 -19.72 12.74
C HIS B 77 6.95 -20.36 13.92
N CYS B 78 5.62 -20.51 13.89
CA CYS B 78 4.91 -21.15 15.00
C CYS B 78 3.56 -21.61 14.49
N THR B 79 2.88 -22.38 15.31
CA THR B 79 1.54 -22.84 14.97
C THR B 79 0.50 -21.75 15.17
N ASP B 80 -0.29 -21.51 14.12
CA ASP B 80 -1.47 -20.68 14.24
C ASP B 80 -2.66 -21.50 14.75
N VAL B 81 -3.44 -20.92 15.66
CA VAL B 81 -4.67 -21.53 16.13
C VAL B 81 -5.79 -20.54 15.87
N VAL B 82 -6.79 -20.94 15.10
CA VAL B 82 -7.90 -20.04 14.79
C VAL B 82 -9.22 -20.74 15.05
N VAL B 83 -10.26 -19.95 15.30
CA VAL B 83 -11.60 -20.44 15.62
C VAL B 83 -12.64 -19.81 14.71
N SER B 84 -13.50 -20.65 14.14
CA SER B 84 -14.71 -20.18 13.49
C SER B 84 -15.89 -20.76 14.27
N GLY B 85 -16.78 -19.88 14.73
CA GLY B 85 -17.94 -20.34 15.44
C GLY B 85 -18.77 -19.17 15.92
N LYS B 86 -19.74 -19.48 16.78
CA LYS B 86 -20.67 -18.51 17.32
C LYS B 86 -20.61 -18.53 18.84
N ALA B 87 -20.91 -17.38 19.44
CA ALA B 87 -21.21 -17.37 20.86
C ALA B 87 -22.55 -18.05 21.10
N ARG B 88 -22.62 -18.94 22.08
CA ARG B 88 -23.86 -19.65 22.39
C ARG B 88 -24.01 -19.67 23.91
N ALA B 89 -25.02 -18.95 24.40
CA ALA B 89 -25.20 -18.82 25.84
C ALA B 89 -25.55 -20.15 26.48
N TYR B 90 -25.05 -20.34 27.71
CA TYR B 90 -25.26 -21.61 28.39
C TYR B 90 -26.75 -21.91 28.54
N ALA B 91 -27.13 -23.15 28.25
CA ALA B 91 -28.49 -23.67 28.44
C ALA B 91 -29.54 -22.94 27.62
N LYS B 92 -29.13 -22.20 26.60
CA LYS B 92 -30.03 -21.38 25.80
C LYS B 92 -30.81 -20.40 26.68
N ARG B 93 -30.18 -19.92 27.75
CA ARG B 93 -30.77 -18.89 28.59
C ARG B 93 -30.32 -17.52 28.10
N PRO B 94 -31.22 -16.68 27.59
CA PRO B 94 -30.80 -15.37 27.08
C PRO B 94 -29.95 -14.61 28.10
N VAL B 95 -28.96 -13.89 27.59
CA VAL B 95 -28.07 -13.06 28.39
C VAL B 95 -27.83 -11.77 27.63
N GLU B 96 -27.37 -10.76 28.36
CA GLU B 96 -26.99 -9.47 27.77
C GLU B 96 -25.53 -9.43 27.34
N GLN B 97 -24.67 -10.21 27.98
CA GLN B 97 -23.30 -10.42 27.53
C GLN B 97 -22.84 -11.77 28.05
N MET B 98 -21.78 -12.28 27.44
CA MET B 98 -21.19 -13.53 27.87
C MET B 98 -19.72 -13.54 27.47
N GLU B 99 -19.00 -14.57 27.91
CA GLU B 99 -17.58 -14.74 27.66
C GLU B 99 -17.33 -16.02 26.88
N CYS B 100 -16.49 -15.93 25.86
CA CYS B 100 -15.93 -17.06 25.13
C CYS B 100 -14.44 -17.17 25.44
N ARG B 101 -13.95 -18.41 25.63
CA ARG B 101 -12.59 -18.62 26.07
C ARG B 101 -11.94 -19.71 25.25
N LEU B 102 -10.75 -19.40 24.77
CA LEU B 102 -9.84 -20.31 24.10
C LEU B 102 -8.67 -20.57 25.02
N LEU B 103 -8.49 -21.84 25.39
CA LEU B 103 -7.41 -22.23 26.29
C LEU B 103 -6.62 -23.35 25.63
N LEU B 104 -5.33 -23.15 25.47
CA LEU B 104 -4.43 -24.17 24.93
C LEU B 104 -3.25 -24.17 25.89
N ASP B 105 -3.21 -25.18 26.77
CA ASP B 105 -2.28 -25.20 27.89
C ASP B 105 -0.89 -24.84 27.45
N GLY B 106 -0.32 -23.83 28.08
CA GLY B 106 1.03 -23.39 27.84
C GLY B 106 1.22 -22.43 26.68
N HIS B 107 0.18 -22.22 25.88
CA HIS B 107 0.36 -21.30 24.74
C HIS B 107 -0.68 -20.20 24.63
N ILE B 108 -1.94 -20.49 24.96
CA ILE B 108 -3.03 -19.56 24.75
C ILE B 108 -3.95 -19.59 25.97
N ASP B 109 -4.34 -18.43 26.47
CA ASP B 109 -5.42 -18.34 27.46
C ASP B 109 -6.11 -17.02 27.20
N LYS B 110 -7.23 -17.07 26.47
CA LYS B 110 -7.78 -15.85 25.88
C LYS B 110 -9.29 -15.83 26.07
N THR B 111 -9.76 -14.84 26.81
CA THR B 111 -11.18 -14.63 26.99
C THR B 111 -11.58 -13.35 26.29
N LEU B 112 -12.70 -13.41 25.55
CA LEU B 112 -13.31 -12.23 24.97
C LEU B 112 -14.72 -12.11 25.51
N VAL B 113 -15.21 -10.87 25.56
CA VAL B 113 -16.55 -10.57 26.05
C VAL B 113 -17.43 -10.25 24.85
N ILE B 114 -18.56 -10.93 24.78
CA ILE B 114 -19.54 -10.78 23.70
C ILE B 114 -20.74 -10.01 24.23
N HIS B 115 -20.99 -8.84 23.66
CA HIS B 115 -22.13 -8.02 24.04
C HIS B 115 -23.33 -8.31 23.15
N GLY B 116 -24.53 -8.04 23.69
CA GLY B 116 -25.71 -8.04 22.87
C GLY B 116 -25.72 -6.88 21.90
N GLN B 117 -26.55 -6.99 20.86
CA GLN B 117 -26.64 -5.94 19.86
C GLN B 117 -27.15 -4.66 20.49
N ARG B 118 -26.57 -3.54 20.07
CA ARG B 118 -26.89 -2.22 20.60
C ARG B 118 -27.10 -1.27 19.44
N ASP B 119 -27.70 -0.11 19.74
CA ASP B 119 -27.92 0.94 18.77
C ASP B 119 -27.14 2.19 19.18
N TRP B 120 -26.87 3.04 18.20
CA TRP B 120 -26.32 4.34 18.50
C TRP B 120 -27.43 5.25 18.99
N ILE B 121 -27.07 6.21 19.84
CA ILE B 121 -27.97 7.26 20.29
C ILE B 121 -27.26 8.59 20.12
N GLU B 122 -27.90 9.52 19.41
CA GLU B 122 -27.33 10.83 19.18
C GLU B 122 -28.11 11.85 20.00
N HIS B 123 -27.38 12.72 20.70
CA HIS B 123 -27.99 13.77 21.50
C HIS B 123 -27.12 15.01 21.30
N GLY B 124 -27.53 15.86 20.36
CA GLY B 124 -26.85 17.11 20.12
C GLY B 124 -25.37 16.97 19.89
N GLY B 125 -24.99 16.07 19.00
CA GLY B 125 -23.61 15.93 18.60
C GLY B 125 -22.78 14.97 19.42
N SER B 126 -23.34 14.38 20.48
CA SER B 126 -22.65 13.37 21.26
C SER B 126 -23.33 12.02 21.06
N ILE B 127 -22.53 11.02 20.70
CA ILE B 127 -23.03 9.68 20.42
C ILE B 127 -22.72 8.79 21.61
N THR B 128 -23.71 8.00 22.03
CA THR B 128 -23.50 6.92 22.98
C THR B 128 -24.22 5.67 22.46
N VAL B 129 -24.09 4.58 23.21
CA VAL B 129 -24.67 3.30 22.82
C VAL B 129 -25.82 2.98 23.76
N SER B 130 -26.83 2.31 23.23
CA SER B 130 -27.96 1.86 24.01
C SER B 130 -27.55 0.68 24.90
N ASN B 131 -28.51 0.17 25.66
CA ASN B 131 -28.27 -1.04 26.46
C ASN B 131 -28.23 -2.26 25.56
N PRO B 132 -27.54 -3.33 25.96
CA PRO B 132 -27.48 -4.51 25.11
C PRO B 132 -28.79 -5.28 25.10
N GLN B 133 -29.14 -5.81 23.94
CA GLN B 133 -30.28 -6.71 23.83
C GLN B 133 -29.87 -8.12 24.26
N SER B 134 -30.84 -8.88 24.75
CA SER B 134 -30.62 -10.27 25.09
C SER B 134 -30.38 -11.09 23.84
N PHE B 135 -29.64 -12.20 23.99
CA PHE B 135 -29.44 -13.10 22.87
C PHE B 135 -29.18 -14.51 23.37
N ILE B 136 -29.45 -15.48 22.50
CA ILE B 136 -29.15 -16.89 22.74
C ILE B 136 -27.87 -17.31 22.02
N ASP B 137 -27.66 -16.78 20.81
CA ASP B 137 -26.46 -17.07 20.02
C ASP B 137 -26.26 -15.88 19.10
N CYS B 138 -25.01 -15.71 18.63
CA CYS B 138 -24.70 -14.60 17.73
C CYS B 138 -23.34 -14.82 17.10
N ASP B 139 -23.11 -14.13 16.00
CA ASP B 139 -21.83 -14.14 15.32
C ASP B 139 -20.80 -13.28 16.07
N ILE B 140 -19.52 -13.62 15.83
CA ILE B 140 -18.44 -12.98 16.56
C ILE B 140 -17.26 -12.72 15.64
N ASP B 141 -17.51 -12.62 14.34
CA ASP B 141 -16.44 -12.35 13.38
C ASP B 141 -16.09 -10.87 13.44
N TYR B 142 -15.06 -10.46 12.64
CA TYR B 142 -14.49 -9.14 12.79
C TYR B 142 -15.42 -8.06 12.32
N SER B 143 -16.52 -8.39 11.61
CA SER B 143 -17.51 -7.35 11.32
C SER B 143 -18.16 -6.85 12.61
N HIS B 144 -18.02 -7.59 13.70
CA HIS B 144 -18.57 -7.24 15.01
C HIS B 144 -17.52 -6.69 15.98
N ALA B 145 -16.29 -6.53 15.52
CA ALA B 145 -15.24 -5.93 16.33
C ALA B 145 -15.15 -4.44 16.03
N ILE B 146 -14.38 -3.73 16.87
CA ILE B 146 -14.11 -2.32 16.64
C ILE B 146 -13.45 -2.13 15.28
N GLY B 147 -13.88 -1.09 14.57
CA GLY B 147 -13.30 -0.80 13.27
C GLY B 147 -14.24 0.07 12.44
N GLY B 148 -13.99 0.05 11.14
CA GLY B 148 -14.77 0.80 10.19
C GLY B 148 -13.87 1.63 9.31
N GLU B 149 -13.86 2.95 9.54
CA GLU B 149 -12.88 3.85 8.92
C GLU B 149 -11.58 3.78 9.73
N ASP B 150 -10.93 2.62 9.64
CA ASP B 150 -9.78 2.29 10.49
C ASP B 150 -9.02 1.15 9.83
N GLU B 151 -7.75 1.38 9.51
CA GLU B 151 -6.99 0.36 8.78
C GLU B 151 -6.67 -0.85 9.65
N ARG B 152 -6.85 -0.75 10.96
CA ARG B 152 -6.76 -1.93 11.80
C ARG B 152 -7.85 -2.95 11.50
N ASN B 153 -9.06 -2.49 11.13
CA ASN B 153 -10.14 -3.40 10.80
C ASN B 153 -11.19 -2.62 10.03
N ARG B 154 -11.09 -2.63 8.72
CA ARG B 154 -12.00 -1.87 7.89
C ARG B 154 -13.37 -2.52 7.71
N ILE B 155 -13.63 -3.69 8.28
CA ILE B 155 -14.97 -4.25 8.23
C ILE B 155 -15.67 -4.18 9.57
N GLY B 156 -15.06 -3.59 10.57
CA GLY B 156 -15.68 -3.46 11.87
C GLY B 156 -16.58 -2.24 11.92
N GLY B 157 -17.00 -1.91 13.13
CA GLY B 157 -17.82 -0.74 13.36
C GLY B 157 -17.33 0.04 14.57
N GLY B 158 -17.73 1.32 14.60
CA GLY B 158 -17.46 2.17 15.75
C GLY B 158 -16.39 3.22 15.53
N VAL B 159 -15.75 3.25 14.37
CA VAL B 159 -14.73 4.23 14.08
C VAL B 159 -15.15 4.95 12.81
N ALA B 160 -15.34 6.27 12.90
CA ALA B 160 -15.82 7.02 11.75
C ALA B 160 -15.31 8.45 11.82
N SER B 161 -15.19 9.06 10.64
CA SER B 161 -14.78 10.45 10.56
C SER B 161 -15.88 11.42 10.95
N SER B 162 -17.14 10.99 10.94
CA SER B 162 -18.25 11.87 11.25
C SER B 162 -19.35 11.08 11.94
N ASN B 163 -20.23 11.81 12.63
CA ASN B 163 -21.41 11.18 13.21
C ASN B 163 -22.30 10.57 12.14
N LYS B 164 -22.42 11.22 10.99
CA LYS B 164 -23.25 10.67 9.94
C LYS B 164 -22.75 9.29 9.52
N VAL B 165 -21.43 9.15 9.37
CA VAL B 165 -20.86 7.87 8.97
C VAL B 165 -21.00 6.85 10.09
N LEU B 166 -20.76 7.27 11.33
CA LEU B 166 -20.83 6.35 12.46
C LEU B 166 -22.20 5.69 12.54
N LEU B 167 -23.26 6.44 12.25
CA LEU B 167 -24.63 5.92 12.39
C LEU B 167 -24.99 4.91 11.30
N THR B 168 -24.18 4.76 10.25
CA THR B 168 -24.38 3.73 9.26
C THR B 168 -23.60 2.46 9.59
N GLN B 169 -22.91 2.41 10.73
CA GLN B 169 -22.11 1.27 11.16
C GLN B 169 -22.82 0.50 12.26
N ARG B 170 -22.49 -0.78 12.38
CA ARG B 170 -22.98 -1.61 13.45
C ARG B 170 -22.17 -1.36 14.70
N VAL B 171 -22.86 -1.17 15.83
CA VAL B 171 -22.14 -1.04 17.10
C VAL B 171 -21.34 -2.29 17.34
N PRO B 172 -20.03 -2.20 17.62
CA PRO B 172 -19.24 -3.41 17.86
C PRO B 172 -19.63 -4.06 19.17
N SER B 173 -19.53 -5.40 19.21
CA SER B 173 -19.94 -6.19 20.35
C SER B 173 -18.91 -7.17 20.87
N VAL B 174 -17.74 -7.28 20.24
CA VAL B 174 -16.72 -8.25 20.63
C VAL B 174 -15.49 -7.47 21.11
N PHE B 175 -15.12 -7.70 22.36
CA PHE B 175 -14.09 -6.90 23.01
C PHE B 175 -13.27 -7.78 23.95
N TYR B 176 -12.04 -7.36 24.21
CA TYR B 176 -11.30 -7.92 25.32
C TYR B 176 -11.96 -7.53 26.63
N PRO B 177 -11.72 -8.29 27.70
CA PRO B 177 -12.31 -7.93 29.00
C PRO B 177 -11.96 -6.51 29.39
N LYS B 178 -12.92 -5.82 29.99
CA LYS B 178 -12.80 -4.46 30.51
C LYS B 178 -12.72 -3.42 29.41
N GLU B 179 -12.99 -3.76 28.16
CA GLU B 179 -12.95 -2.80 27.06
C GLU B 179 -14.34 -2.73 26.44
N ASP B 180 -14.67 -1.55 25.91
CA ASP B 180 -15.93 -1.32 25.23
C ASP B 180 -15.74 -0.11 24.34
N TRP B 181 -16.75 0.15 23.51
CA TRP B 181 -16.64 1.18 22.50
C TRP B 181 -16.39 2.55 23.14
N ASP B 182 -15.40 3.26 22.62
CA ASP B 182 -15.14 4.64 23.03
C ASP B 182 -14.77 5.45 21.80
N ALA B 183 -15.16 6.72 21.82
CA ALA B 183 -14.91 7.60 20.67
C ALA B 183 -13.43 7.63 20.31
N THR B 184 -12.55 7.69 21.32
CA THR B 184 -11.12 7.49 21.12
C THR B 184 -10.87 6.02 20.76
N SER B 185 -10.94 5.69 19.46
CA SER B 185 -10.93 4.30 19.05
C SER B 185 -9.58 3.65 19.26
N LYS B 186 -8.48 4.43 19.18
CA LYS B 186 -7.14 3.87 19.36
C LYS B 186 -6.99 3.15 20.69
N LYS B 187 -7.90 3.39 21.65
CA LYS B 187 -7.82 2.78 22.96
C LYS B 187 -8.40 1.37 22.99
N VAL B 188 -9.33 1.05 22.10
CA VAL B 188 -10.02 -0.24 22.09
C VAL B 188 -9.37 -1.16 21.07
N ARG B 189 -9.04 -2.38 21.49
CA ARG B 189 -8.37 -3.33 20.60
C ARG B 189 -9.36 -4.06 19.70
N VAL B 190 -8.91 -4.41 18.50
CA VAL B 190 -9.64 -5.33 17.66
C VAL B 190 -9.61 -6.71 18.31
N ALA B 191 -10.77 -7.35 18.40
CA ALA B 191 -10.92 -8.57 19.18
C ALA B 191 -11.61 -9.64 18.36
N GLY B 192 -11.09 -10.84 18.40
CA GLY B 192 -11.68 -11.98 17.74
C GLY B 192 -10.79 -13.18 17.86
N PHE B 193 -11.38 -14.34 17.52
CA PHE B 193 -10.67 -15.62 17.47
C PHE B 193 -10.36 -16.07 16.06
N GLY B 194 -10.93 -15.42 15.06
CA GLY B 194 -10.84 -15.86 13.69
C GLY B 194 -9.58 -15.37 13.00
N PRO B 195 -9.31 -15.95 11.84
CA PRO B 195 -8.07 -15.58 11.13
C PRO B 195 -8.01 -14.11 10.78
N ILE B 196 -6.80 -13.56 10.83
CA ILE B 196 -6.52 -12.16 10.48
C ILE B 196 -6.48 -12.03 8.97
N PRO B 197 -7.39 -11.28 8.37
CA PRO B 197 -7.32 -11.03 6.94
C PRO B 197 -6.07 -10.25 6.61
N PRO B 198 -5.43 -10.56 5.49
CA PRO B 198 -4.25 -9.76 5.08
C PRO B 198 -4.53 -8.28 4.91
N PHE B 199 -5.77 -7.86 4.82
CA PHE B 199 -6.06 -6.42 4.67
C PHE B 199 -6.16 -5.73 6.00
N PHE B 200 -5.94 -6.44 7.11
CA PHE B 200 -5.80 -5.79 8.41
C PHE B 200 -4.37 -5.22 8.45
N LYS B 201 -4.23 -4.02 9.01
CA LYS B 201 -2.93 -3.36 9.02
C LYS B 201 -1.87 -4.22 9.72
N GLN B 202 -2.25 -4.92 10.78
CA GLN B 202 -1.27 -5.68 11.55
C GLN B 202 -0.60 -6.71 10.64
N ARG B 203 -1.30 -7.12 9.57
CA ARG B 203 -0.70 -8.09 8.66
C ARG B 203 -0.04 -7.40 7.47
N TYR B 204 -0.76 -6.53 6.72
CA TYR B 204 -0.18 -6.06 5.45
C TYR B 204 1.06 -5.20 5.68
N GLN B 205 1.14 -4.54 6.82
CA GLN B 205 2.40 -3.88 7.19
C GLN B 205 3.59 -4.83 7.13
N LEU B 206 3.39 -6.12 7.42
CA LEU B 206 4.52 -7.03 7.41
C LEU B 206 4.97 -7.38 6.01
N ALA B 207 4.16 -7.13 5.00
CA ALA B 207 4.57 -7.40 3.60
C ALA B 207 5.55 -6.34 3.07
N GLY B 208 5.70 -5.23 3.77
CA GLY B 208 6.73 -4.27 3.41
C GLY B 208 6.14 -3.10 2.63
N THR B 209 7.01 -2.22 2.18
CA THR B 209 6.65 -0.95 1.57
C THR B 209 6.75 -1.05 0.05
N PHE B 210 5.61 -0.97 -0.61
CA PHE B 210 5.55 -0.98 -2.07
C PHE B 210 5.48 0.47 -2.55
N ASP B 211 6.58 1.17 -2.37
CA ASP B 211 6.66 2.59 -2.72
C ASP B 211 7.36 2.74 -4.08
N ASP B 212 7.65 3.98 -4.45
CA ASP B 212 8.27 4.22 -5.74
C ASP B 212 9.71 3.71 -5.80
N ASN B 213 10.47 3.87 -4.72
CA ASN B 213 11.76 3.20 -4.61
C ASN B 213 11.66 1.70 -4.93
N TRP B 214 10.67 1.02 -4.34
CA TRP B 214 10.51 -0.40 -4.62
C TRP B 214 10.21 -0.64 -6.09
N LEU B 215 9.25 0.10 -6.63
CA LEU B 215 8.87 -0.03 -8.03
C LEU B 215 10.04 0.11 -8.97
N GLU B 216 10.98 1.02 -8.68
CA GLU B 216 12.07 1.31 -9.61
C GLU B 216 13.33 0.52 -9.34
N ASN B 217 13.62 0.15 -8.10
CA ASN B 217 14.93 -0.37 -7.72
C ASN B 217 14.93 -1.76 -7.12
N ARG B 218 13.79 -2.28 -6.71
CA ARG B 218 13.73 -3.58 -6.03
C ARG B 218 12.88 -4.59 -6.77
N ARG B 219 11.66 -4.24 -7.18
CA ARG B 219 10.82 -5.03 -8.05
C ARG B 219 11.72 -5.68 -9.08
N PRO B 220 11.52 -6.96 -9.41
CA PRO B 220 10.42 -7.85 -9.01
C PRO B 220 10.54 -8.52 -7.63
N LEU B 221 11.68 -8.41 -6.96
CA LEU B 221 11.79 -8.87 -5.60
C LEU B 221 10.73 -8.18 -4.73
N LEU B 222 10.35 -8.84 -3.64
CA LEU B 222 9.49 -8.19 -2.66
C LEU B 222 10.26 -7.10 -1.95
N PRO B 223 9.56 -6.21 -1.25
CA PRO B 223 10.26 -5.12 -0.55
C PRO B 223 11.28 -5.61 0.45
N VAL B 224 12.35 -4.84 0.62
CA VAL B 224 13.42 -5.23 1.50
C VAL B 224 12.91 -5.45 2.91
N ASP B 225 11.88 -4.72 3.33
CA ASP B 225 11.30 -4.87 4.64
C ASP B 225 10.13 -5.87 4.67
N PHE B 226 10.00 -6.74 3.68
CA PHE B 226 9.06 -7.84 3.77
C PHE B 226 9.47 -8.75 4.92
N ASP B 227 8.50 -9.29 5.64
CA ASP B 227 8.74 -10.04 6.88
C ASP B 227 7.93 -11.32 6.76
N ARG B 228 8.62 -12.45 6.86
CA ARG B 228 7.94 -13.75 6.74
C ARG B 228 6.85 -13.94 7.79
N ARG B 229 6.84 -13.15 8.85
N ARG B 229 6.85 -13.16 8.86
CA ARG B 229 5.72 -13.21 9.77
CA ARG B 229 5.72 -13.19 9.77
C ARG B 229 4.41 -12.84 9.09
C ARG B 229 4.41 -12.89 9.06
N TYR B 230 4.46 -12.18 7.92
CA TYR B 230 3.26 -11.98 7.14
C TYR B 230 2.44 -13.25 6.91
N TYR B 231 3.08 -14.41 6.85
CA TYR B 231 2.36 -15.65 6.57
C TYR B 231 1.52 -16.15 7.72
N GLN B 232 1.69 -15.65 8.94
CA GLN B 232 0.87 -16.11 10.07
C GLN B 232 -0.54 -15.52 9.96
N SER B 233 -1.57 -16.38 10.09
CA SER B 233 -2.93 -15.91 9.96
C SER B 233 -3.69 -15.87 11.27
N ALA B 234 -3.09 -16.34 12.42
CA ALA B 234 -3.83 -16.23 13.65
C ALA B 234 -3.59 -14.90 14.31
N PRO B 235 -4.53 -14.44 15.12
CA PRO B 235 -4.25 -13.33 16.00
C PRO B 235 -2.98 -13.59 16.81
N LEU B 236 -2.31 -12.50 17.21
CA LEU B 236 -0.99 -12.65 17.82
C LEU B 236 -1.02 -13.47 19.12
N ASP B 237 -2.05 -13.30 19.94
CA ASP B 237 -2.19 -14.08 21.16
C ASP B 237 -2.80 -15.44 20.92
N GLN B 238 -2.83 -15.89 19.68
CA GLN B 238 -3.24 -17.23 19.32
C GLN B 238 -2.17 -17.85 18.45
N GLN B 239 -1.02 -17.23 18.38
CA GLN B 239 0.15 -17.86 17.74
C GLN B 239 0.89 -18.57 18.86
N CYS B 240 1.25 -19.82 18.63
CA CYS B 240 1.75 -20.66 19.69
C CYS B 240 3.23 -20.34 19.91
N LYS B 241 3.77 -20.83 21.01
CA LYS B 241 5.18 -20.65 21.31
C LYS B 241 5.96 -21.73 20.56
N GLY B 242 6.39 -21.41 19.37
CA GLY B 242 6.88 -22.41 18.42
C GLY B 242 5.77 -23.29 17.84
N TYR B 243 6.17 -24.46 17.40
CA TYR B 243 5.25 -25.41 16.82
C TYR B 243 4.75 -26.34 17.90
N LEU B 244 3.45 -26.60 17.89
CA LEU B 244 2.88 -27.60 18.79
C LEU B 244 3.47 -28.97 18.46
N GLN B 245 3.65 -29.79 19.51
CA GLN B 245 4.40 -31.03 19.38
C GLN B 245 3.56 -32.29 19.51
N GLY B 246 2.31 -32.15 20.00
CA GLY B 246 1.49 -33.31 20.27
C GLY B 246 1.13 -33.41 21.72
N GLY B 247 -0.07 -33.83 22.03
CA GLY B 247 -0.50 -34.00 23.41
C GLY B 247 -1.10 -32.78 24.04
N GLU B 248 -0.96 -31.60 23.43
CA GLU B 248 -1.49 -30.39 24.02
C GLU B 248 -3.01 -30.51 24.11
N ARG B 249 -3.58 -29.96 25.18
CA ARG B 249 -5.01 -29.93 25.39
C ARG B 249 -5.59 -28.59 24.95
N LEU B 250 -6.62 -28.65 24.15
CA LEU B 250 -7.34 -27.47 23.68
C LEU B 250 -8.72 -27.47 24.30
N MET B 251 -9.15 -26.31 24.82
CA MET B 251 -10.44 -26.17 25.44
C MET B 251 -11.10 -24.88 24.99
N LEU B 252 -12.34 -24.99 24.50
CA LEU B 252 -13.16 -23.85 24.12
C LEU B 252 -14.47 -23.88 24.90
N SER B 253 -14.76 -22.79 25.58
CA SER B 253 -16.00 -22.60 26.30
C SER B 253 -16.73 -21.36 25.79
N GLY B 254 -18.08 -21.42 25.83
CA GLY B 254 -18.90 -20.34 25.32
C GLY B 254 -19.30 -20.46 23.88
N PHE B 255 -18.89 -21.53 23.20
CA PHE B 255 -19.21 -21.72 21.80
C PHE B 255 -20.30 -22.78 21.60
N SER B 256 -20.77 -23.37 22.68
CA SER B 256 -21.84 -24.36 22.63
C SER B 256 -22.78 -24.13 23.80
N HIS B 257 -24.06 -24.47 23.60
CA HIS B 257 -25.03 -24.26 24.67
C HIS B 257 -24.80 -25.19 25.85
N ASP B 258 -24.45 -26.45 25.58
CA ASP B 258 -24.51 -27.51 26.58
C ASP B 258 -23.17 -27.97 27.12
N ASP B 259 -22.14 -28.03 26.29
CA ASP B 259 -20.86 -28.57 26.72
C ASP B 259 -19.70 -27.71 26.21
N ILE B 260 -18.60 -27.80 26.94
CA ILE B 260 -17.35 -27.25 26.47
C ILE B 260 -16.77 -28.16 25.38
N PHE B 261 -15.95 -27.61 24.51
CA PHE B 261 -15.24 -28.40 23.52
C PHE B 261 -13.86 -28.70 24.08
N SER B 262 -13.42 -29.93 23.90
CA SER B 262 -12.09 -30.35 24.36
C SER B 262 -11.51 -31.23 23.27
N PHE B 263 -10.23 -31.05 23.00
CA PHE B 263 -9.52 -31.75 21.93
C PHE B 263 -8.06 -31.89 22.36
N ARG B 264 -7.50 -33.06 22.16
CA ARG B 264 -6.12 -33.35 22.49
C ARG B 264 -5.39 -33.55 21.17
N LEU B 265 -4.33 -32.80 20.95
CA LEU B 265 -3.62 -32.91 19.68
C LEU B 265 -2.97 -34.29 19.58
N PRO B 266 -3.03 -34.93 18.42
CA PRO B 266 -2.33 -36.21 18.25
C PRO B 266 -0.83 -36.01 18.24
N ARG B 267 -0.11 -37.11 18.45
CA ARG B 267 1.34 -37.08 18.60
C ARG B 267 2.09 -37.47 17.35
N GLU B 268 1.42 -37.98 16.32
CA GLU B 268 2.10 -38.31 15.08
C GLU B 268 2.82 -37.06 14.54
N LYS B 269 4.06 -37.23 14.10
CA LYS B 269 4.83 -36.22 13.39
C LYS B 269 5.22 -36.80 12.05
N TYR B 270 5.54 -35.93 11.10
CA TYR B 270 5.75 -36.34 9.72
C TYR B 270 7.00 -35.69 9.13
N ARG B 271 7.59 -36.42 8.17
CA ARG B 271 8.76 -36.05 7.42
C ARG B 271 8.45 -36.25 5.96
N ALA B 272 8.89 -35.30 5.12
CA ALA B 272 8.63 -35.36 3.68
C ALA B 272 9.94 -35.51 2.94
N SER B 273 9.87 -36.14 1.77
CA SER B 273 11.01 -36.31 0.89
C SER B 273 10.58 -36.01 -0.54
N ALA B 274 11.25 -35.04 -1.16
CA ALA B 274 10.99 -34.68 -2.54
C ALA B 274 12.10 -35.21 -3.44
N ASP B 275 11.69 -35.75 -4.59
CA ASP B 275 12.59 -36.41 -5.52
C ASP B 275 12.87 -35.48 -6.69
N PHE B 276 13.90 -34.65 -6.54
CA PHE B 276 14.35 -33.79 -7.63
C PHE B 276 15.41 -34.46 -8.50
N GLY B 277 15.63 -35.77 -8.32
CA GLY B 277 16.68 -36.48 -9.02
C GLY B 277 17.38 -37.43 -8.09
N ASP B 278 18.65 -37.75 -8.38
CA ASP B 278 19.46 -38.48 -7.41
C ASP B 278 19.63 -37.69 -6.13
N ASP B 279 19.37 -36.39 -6.15
CA ASP B 279 19.30 -35.60 -4.92
C ASP B 279 17.99 -35.95 -4.22
N GLN B 280 18.08 -36.65 -3.11
CA GLN B 280 16.94 -36.90 -2.24
C GLN B 280 17.06 -35.99 -1.03
N GLU B 281 16.00 -35.23 -0.77
CA GLU B 281 15.97 -34.24 0.31
C GLU B 281 14.90 -34.62 1.31
N PHE B 282 15.17 -34.36 2.59
CA PHE B 282 14.28 -34.69 3.69
C PHE B 282 14.02 -33.44 4.51
N LYS B 283 12.75 -33.23 4.89
CA LYS B 283 12.36 -32.10 5.71
C LYS B 283 11.24 -32.50 6.65
N ASP B 284 11.39 -32.16 7.93
CA ASP B 284 10.32 -32.36 8.89
C ASP B 284 9.13 -31.48 8.51
N LEU B 285 7.93 -32.03 8.53
CA LEU B 285 6.76 -31.18 8.57
C LEU B 285 6.58 -30.63 9.98
N GLU B 286 6.03 -29.42 10.07
CA GLU B 286 5.57 -28.87 11.33
C GLU B 286 4.07 -28.57 11.24
N LEU B 287 3.40 -28.49 12.40
CA LEU B 287 2.00 -28.16 12.46
C LEU B 287 1.86 -26.65 12.28
N TYR B 288 1.29 -26.25 11.17
CA TYR B 288 1.18 -24.82 10.83
C TYR B 288 -0.13 -24.23 11.31
N THR B 289 -1.19 -25.02 11.36
CA THR B 289 -2.51 -24.48 11.60
C THR B 289 -3.39 -25.49 12.31
N VAL B 290 -4.03 -25.01 13.37
CA VAL B 290 -5.13 -25.69 14.03
C VAL B 290 -6.34 -24.81 13.79
N PHE B 291 -7.34 -25.36 13.09
CA PHE B 291 -8.57 -24.64 12.76
C PHE B 291 -9.73 -25.30 13.48
N VAL B 292 -10.35 -24.61 14.43
CA VAL B 292 -11.45 -25.16 15.21
C VAL B 292 -12.76 -24.58 14.67
N ASP B 293 -13.62 -25.40 14.13
CA ASP B 293 -14.92 -24.95 13.63
C ASP B 293 -15.94 -25.54 14.59
N THR B 294 -16.44 -24.70 15.52
CA THR B 294 -17.31 -25.21 16.55
C THR B 294 -18.71 -25.44 16.05
N GLU B 295 -19.11 -24.76 14.96
CA GLU B 295 -20.44 -25.00 14.38
C GLU B 295 -20.51 -26.38 13.74
N LYS B 296 -19.51 -26.74 12.97
CA LYS B 296 -19.46 -28.05 12.34
C LYS B 296 -18.90 -29.16 13.23
N GLY B 297 -18.26 -28.81 14.34
CA GLY B 297 -17.69 -29.84 15.22
C GLY B 297 -16.49 -30.54 14.63
N VAL B 298 -15.56 -29.78 14.00
CA VAL B 298 -14.40 -30.40 13.37
C VAL B 298 -13.17 -29.58 13.74
N VAL B 299 -12.05 -30.26 13.92
CA VAL B 299 -10.76 -29.64 14.10
C VAL B 299 -9.91 -30.07 12.93
N SER B 300 -9.38 -29.11 12.20
CA SER B 300 -8.47 -29.34 11.10
C SER B 300 -7.04 -29.11 11.57
N LEU B 301 -6.13 -29.95 11.11
CA LEU B 301 -4.72 -29.85 11.44
C LEU B 301 -3.96 -29.85 10.14
N THR B 302 -3.21 -28.78 9.85
CA THR B 302 -2.45 -28.72 8.61
C THR B 302 -0.99 -28.68 8.95
N TYR B 303 -0.25 -29.63 8.39
CA TYR B 303 1.18 -29.77 8.51
C TYR B 303 1.82 -29.38 7.20
N SER B 304 3.01 -28.78 7.28
CA SER B 304 3.60 -28.23 6.06
C SER B 304 5.12 -28.33 6.09
N ALA B 305 5.69 -28.41 4.91
CA ALA B 305 7.12 -28.33 4.69
C ALA B 305 7.36 -27.68 3.34
N ALA B 306 8.47 -26.97 3.22
CA ALA B 306 8.80 -26.22 2.02
C ALA B 306 10.19 -26.59 1.52
N PHE B 307 10.27 -26.93 0.25
CA PHE B 307 11.52 -27.28 -0.42
C PHE B 307 11.90 -26.20 -1.42
N ALA B 308 13.01 -25.53 -1.18
CA ALA B 308 13.56 -24.61 -2.17
C ALA B 308 13.98 -25.39 -3.41
N CYS B 309 13.65 -24.86 -4.57
CA CYS B 309 13.89 -25.59 -5.80
C CYS B 309 13.99 -24.66 -7.01
N GLN B 310 14.96 -23.75 -7.02
CA GLN B 310 15.20 -22.93 -8.19
C GLN B 310 16.22 -23.55 -9.14
N GLU B 311 16.99 -24.53 -8.66
CA GLU B 311 17.86 -25.30 -9.52
C GLU B 311 17.16 -26.51 -10.11
N LYS B 312 16.20 -27.08 -9.38
CA LYS B 312 15.47 -28.28 -9.78
C LYS B 312 13.98 -28.05 -9.57
N GLU B 313 13.32 -27.36 -10.50
CA GLU B 313 11.87 -27.21 -10.44
C GLU B 313 11.16 -28.16 -11.39
N HIS B 314 11.61 -28.24 -12.64
CA HIS B 314 11.07 -29.21 -13.59
C HIS B 314 11.70 -30.59 -13.42
N LEU B 315 12.62 -30.76 -12.47
CA LEU B 315 13.23 -32.04 -12.18
C LEU B 315 12.46 -32.84 -11.13
N LEU B 316 11.38 -32.31 -10.58
CA LEU B 316 10.70 -32.94 -9.46
C LEU B 316 9.97 -34.19 -9.92
N LYS B 317 10.54 -35.36 -9.58
CA LYS B 317 9.88 -36.61 -9.93
C LYS B 317 8.68 -36.85 -9.05
N SER B 318 8.87 -36.82 -7.73
CA SER B 318 7.84 -37.23 -6.80
C SER B 318 8.15 -36.68 -5.41
N THR B 319 7.17 -36.77 -4.52
CA THR B 319 7.31 -36.39 -3.13
C THR B 319 6.67 -37.48 -2.26
N SER B 320 7.33 -37.80 -1.16
CA SER B 320 6.86 -38.86 -0.26
C SER B 320 6.72 -38.32 1.16
N ILE B 321 5.76 -38.87 1.89
CA ILE B 321 5.49 -38.51 3.27
C ILE B 321 5.59 -39.78 4.11
N GLN B 322 6.29 -39.69 5.24
CA GLN B 322 6.39 -40.82 6.17
C GLN B 322 6.22 -40.33 7.61
N ALA B 323 5.49 -41.09 8.40
CA ALA B 323 5.39 -40.75 9.82
C ALA B 323 6.72 -41.00 10.51
N VAL B 324 6.98 -40.22 11.56
CA VAL B 324 8.22 -40.29 12.30
C VAL B 324 8.02 -41.28 13.44
N VAL B 325 8.78 -42.37 13.41
CA VAL B 325 8.63 -43.44 14.40
C VAL B 325 9.35 -43.08 15.68
C1 EDO C . -2.51 12.59 -10.19
O1 EDO C . -1.52 13.60 -9.91
C2 EDO C . -2.75 12.44 -11.70
O2 EDO C . -1.54 12.12 -12.38
H11 EDO C . -3.45 12.86 -9.70
H12 EDO C . -2.19 11.63 -9.78
HO1 EDO C . -1.17 13.45 -9.02
H21 EDO C . -3.15 13.37 -12.10
H22 EDO C . -3.49 11.66 -11.87
HO2 EDO C . -1.71 12.04 -13.33
C1 EDO D . 14.04 30.83 -26.05
O1 EDO D . 13.05 31.84 -25.90
C2 EDO D . 13.38 29.45 -25.91
O2 EDO D . 12.52 29.20 -27.04
H11 EDO D . 14.81 30.95 -25.29
H12 EDO D . 14.51 30.91 -27.03
HO1 EDO D . 13.47 32.71 -26.02
H21 EDO D . 14.14 28.67 -25.86
H22 EDO D . 12.80 29.40 -24.99
HO2 EDO D . 12.09 28.34 -26.95
C1 EDO E . -8.24 -37.50 19.45
O1 EDO E . -8.47 -36.57 20.52
C2 EDO E . -7.35 -36.83 18.40
O2 EDO E . -6.02 -36.71 18.94
H11 EDO E . -9.19 -37.80 19.01
H12 EDO E . -7.75 -38.40 19.83
HO1 EDO E . -8.98 -37.00 21.22
H21 EDO E . -7.34 -37.42 17.48
H22 EDO E . -7.75 -35.84 18.15
HO2 EDO E . -5.44 -36.29 18.30
#